data_4L5N
#
_entry.id   4L5N
#
_cell.length_a   52.704
_cell.length_b   91.375
_cell.length_c   162.862
_cell.angle_alpha   90.00
_cell.angle_beta   90.00
_cell.angle_gamma   90.00
#
_symmetry.space_group_name_H-M   'P 21 21 21'
#
loop_
_entity.id
_entity.type
_entity.pdbx_description
1 polymer 'Uracil-DNA glycosylase'
2 polymer 'Early protein GP1B'
3 non-polymer 'ACETATE ION'
4 water water
#
loop_
_entity_poly.entity_id
_entity_poly.type
_entity_poly.pdbx_seq_one_letter_code
_entity_poly.pdbx_strand_id
1 'polypeptide(L)'
;STGGVSPAATSAPLDWTTFRRVFLIDDAWRPLMEPELANPLTAHLLAEYNRRCQTEEVLPPREDVFSWTRYCTPDEVRVV
IIGQDPYHHPGQAHGLAFSVRANVPPPPSLRNVLAAVKNCYPEARMSGHGCLEKWARDGVLLLNTTLTVKRGAAASHSRI
GWDRFVGGVIRRLAARRPGLVFMLWGTHAQNAIRPDPRVHCVLKFSHPSPLSKVPFGTCQHFLVANRYLETRSISPIDWS
V
;
A,B
2 'polypeptide(L)' VQNDFLDSYDVTMLLQDDNGKQYYEYHKGLSLSDFEVLYGNTVDEIIKLRVDKIS C,D,E,F
#
# COMPACT_ATOMS: atom_id res chain seq x y z
N PRO A 13 -10.13 31.39 -10.60
CA PRO A 13 -10.39 32.14 -9.35
C PRO A 13 -9.13 32.41 -8.52
N LEU A 14 -8.46 31.34 -8.02
CA LEU A 14 -7.23 31.44 -7.20
C LEU A 14 -6.07 31.98 -8.04
N ASP A 15 -5.61 33.17 -7.68
CA ASP A 15 -4.56 33.93 -8.34
C ASP A 15 -3.17 33.63 -7.67
N TRP A 16 -2.13 33.32 -8.48
CA TRP A 16 -0.78 33.01 -8.00
C TRP A 16 -0.16 34.15 -7.15
N THR A 17 -0.25 35.41 -7.66
CA THR A 17 0.28 36.61 -7.00
C THR A 17 -0.27 36.77 -5.57
N THR A 18 -1.59 36.58 -5.39
CA THR A 18 -2.24 36.65 -4.08
C THR A 18 -1.79 35.46 -3.19
N PHE A 19 -1.80 34.24 -3.76
CA PHE A 19 -1.40 33.01 -3.06
C PHE A 19 0.04 33.10 -2.52
N ARG A 20 1.00 33.49 -3.37
CA ARG A 20 2.41 33.60 -2.92
C ARG A 20 2.66 34.73 -1.92
N ARG A 21 1.90 35.84 -2.00
CA ARG A 21 2.03 36.96 -1.05
C ARG A 21 1.48 36.56 0.34
N VAL A 22 0.25 35.99 0.39
CA VAL A 22 -0.42 35.50 1.62
C VAL A 22 0.46 34.48 2.38
N PHE A 23 1.06 33.52 1.66
CA PHE A 23 1.89 32.46 2.24
C PHE A 23 3.42 32.69 2.20
N LEU A 24 3.89 33.88 1.72
CA LEU A 24 5.33 34.20 1.64
C LEU A 24 6.09 33.06 0.87
N ILE A 25 5.57 32.71 -0.32
CA ILE A 25 6.17 31.66 -1.16
C ILE A 25 7.20 32.28 -2.12
N ASP A 26 8.40 31.67 -2.19
CA ASP A 26 9.42 32.11 -3.13
C ASP A 26 8.92 31.82 -4.57
N ASP A 27 8.79 32.89 -5.42
CA ASP A 27 8.34 32.78 -6.82
C ASP A 27 9.15 31.80 -7.71
N ALA A 28 10.36 31.38 -7.28
CA ALA A 28 11.15 30.38 -8.00
C ALA A 28 10.37 29.03 -8.01
N TRP A 29 9.44 28.83 -7.06
CA TRP A 29 8.63 27.61 -6.98
C TRP A 29 7.33 27.67 -7.83
N ARG A 30 7.07 28.81 -8.50
CA ARG A 30 5.90 29.00 -9.38
C ARG A 30 5.61 27.87 -10.40
N PRO A 31 6.55 27.44 -11.30
CA PRO A 31 6.19 26.39 -12.28
C PRO A 31 5.71 25.08 -11.66
N LEU A 32 6.13 24.81 -10.42
CA LEU A 32 5.84 23.58 -9.72
C LEU A 32 4.58 23.64 -8.88
N MET A 33 4.16 24.85 -8.47
CA MET A 33 3.03 25.01 -7.56
C MET A 33 1.81 25.66 -8.17
N GLU A 34 2.03 26.63 -9.07
CA GLU A 34 0.94 27.36 -9.73
C GLU A 34 -0.09 26.43 -10.41
N PRO A 35 0.30 25.32 -11.11
CA PRO A 35 -0.73 24.43 -11.69
C PRO A 35 -1.73 23.85 -10.67
N GLU A 36 -1.34 23.76 -9.38
CA GLU A 36 -2.25 23.27 -8.30
C GLU A 36 -3.46 24.16 -8.07
N LEU A 37 -3.34 25.46 -8.43
CA LEU A 37 -4.42 26.43 -8.31
C LEU A 37 -5.57 26.17 -9.30
N ALA A 38 -5.35 25.30 -10.30
CA ALA A 38 -6.41 24.92 -11.25
C ALA A 38 -7.12 23.62 -10.77
N ASN A 39 -6.60 22.99 -9.70
CA ASN A 39 -7.23 21.80 -9.13
C ASN A 39 -8.38 22.28 -8.24
N PRO A 40 -9.67 21.92 -8.51
CA PRO A 40 -10.77 22.44 -7.64
C PRO A 40 -10.61 22.12 -6.16
N LEU A 41 -9.86 21.05 -5.81
CA LEU A 41 -9.56 20.63 -4.43
C LEU A 41 -8.88 21.76 -3.61
N THR A 42 -7.98 22.56 -4.26
CA THR A 42 -7.20 23.64 -3.65
C THR A 42 -8.07 24.69 -2.92
N ALA A 43 -9.17 25.14 -3.55
CA ALA A 43 -10.13 26.07 -2.96
C ALA A 43 -10.74 25.47 -1.66
N HIS A 44 -11.18 24.20 -1.68
CA HIS A 44 -11.71 23.51 -0.49
C HIS A 44 -10.62 23.44 0.61
N LEU A 45 -9.37 23.07 0.22
CA LEU A 45 -8.22 22.96 1.13
C LEU A 45 -7.95 24.31 1.83
N LEU A 46 -7.85 25.41 1.05
CA LEU A 46 -7.64 26.75 1.61
C LEU A 46 -8.77 27.24 2.52
N ALA A 47 -10.05 27.01 2.14
CA ALA A 47 -11.20 27.39 2.98
C ALA A 47 -11.24 26.60 4.28
N GLU A 48 -10.84 25.32 4.23
CA GLU A 48 -10.82 24.49 5.42
C GLU A 48 -9.67 24.96 6.35
N TYR A 49 -8.52 25.37 5.77
CA TYR A 49 -7.38 25.90 6.53
C TYR A 49 -7.77 27.27 7.18
N ASN A 50 -8.41 28.17 6.41
CA ASN A 50 -8.86 29.47 6.90
C ASN A 50 -9.86 29.34 8.06
N ARG A 51 -10.81 28.40 7.94
CA ARG A 51 -11.82 28.09 8.96
C ARG A 51 -11.15 27.48 10.24
N ARG A 52 -10.23 26.48 10.10
CA ARG A 52 -9.52 25.88 11.26
C ARG A 52 -8.73 26.96 12.04
N CYS A 53 -8.07 27.89 11.31
CA CYS A 53 -7.29 29.00 11.88
C CYS A 53 -8.11 29.92 12.78
N GLN A 54 -9.42 30.03 12.53
CA GLN A 54 -10.32 30.89 13.30
C GLN A 54 -10.92 30.17 14.50
N THR A 55 -10.99 28.83 14.47
CA THR A 55 -11.65 28.02 15.51
C THR A 55 -10.68 27.23 16.40
N GLU A 56 -9.41 27.13 16.00
CA GLU A 56 -8.41 26.37 16.76
C GLU A 56 -7.01 26.95 16.59
N GLU A 57 -6.07 26.47 17.44
CA GLU A 57 -4.67 26.90 17.37
C GLU A 57 -3.93 26.01 16.37
N VAL A 58 -3.62 26.63 15.21
CA VAL A 58 -3.01 25.98 14.05
C VAL A 58 -1.51 26.25 13.96
N LEU A 59 -0.74 25.18 13.77
CA LEU A 59 0.70 25.19 13.65
C LEU A 59 1.22 24.58 12.32
N PRO A 60 2.36 25.04 11.77
CA PRO A 60 3.19 26.19 12.24
C PRO A 60 2.48 27.51 11.91
N PRO A 61 2.94 28.72 12.36
CA PRO A 61 2.27 29.96 11.94
C PRO A 61 2.28 30.10 10.42
N ARG A 62 1.28 30.83 9.89
CA ARG A 62 1.11 31.06 8.45
C ARG A 62 2.42 31.35 7.65
N GLU A 63 3.28 32.28 8.13
CA GLU A 63 4.56 32.66 7.45
C GLU A 63 5.56 31.52 7.36
N ASP A 64 5.35 30.43 8.14
CA ASP A 64 6.25 29.27 8.16
C ASP A 64 5.75 28.08 7.37
N VAL A 65 4.43 28.02 7.08
CA VAL A 65 3.80 26.89 6.39
C VAL A 65 4.57 26.45 5.13
N PHE A 66 5.07 27.43 4.34
CA PHE A 66 5.83 27.20 3.10
C PHE A 66 7.30 27.65 3.19
N SER A 67 7.92 27.57 4.40
CA SER A 67 9.33 27.95 4.56
C SER A 67 10.24 27.08 3.69
N TRP A 68 9.80 25.81 3.41
CA TRP A 68 10.52 24.84 2.55
C TRP A 68 10.75 25.34 1.09
N THR A 69 10.02 26.37 0.63
CA THR A 69 10.22 26.96 -0.70
C THR A 69 11.31 28.03 -0.64
N ARG A 70 11.67 28.50 0.58
CA ARG A 70 12.56 29.65 0.75
C ARG A 70 14.06 29.38 0.92
N TYR A 71 14.46 28.15 1.23
CA TYR A 71 15.89 27.86 1.42
C TYR A 71 16.68 27.58 0.14
N CYS A 72 16.04 26.97 -0.87
CA CYS A 72 16.66 26.71 -2.17
C CYS A 72 15.61 26.67 -3.26
N THR A 73 16.05 26.83 -4.53
CA THR A 73 15.17 26.84 -5.70
C THR A 73 14.92 25.39 -6.19
N PRO A 74 13.86 25.10 -6.99
CA PRO A 74 13.70 23.71 -7.50
C PRO A 74 14.96 23.12 -8.18
N ASP A 75 15.70 23.94 -8.94
CA ASP A 75 16.92 23.50 -9.63
C ASP A 75 18.10 23.24 -8.68
N GLU A 76 18.00 23.68 -7.41
CA GLU A 76 19.09 23.42 -6.46
C GLU A 76 18.82 22.19 -5.59
N VAL A 77 17.59 21.61 -5.67
CA VAL A 77 17.19 20.40 -4.91
C VAL A 77 18.05 19.20 -5.38
N ARG A 78 18.63 18.45 -4.44
CA ARG A 78 19.44 17.26 -4.70
C ARG A 78 18.87 16.01 -4.00
N VAL A 79 18.33 16.19 -2.79
CA VAL A 79 17.78 15.11 -1.95
C VAL A 79 16.38 15.51 -1.48
N VAL A 80 15.45 14.56 -1.48
CA VAL A 80 14.09 14.76 -0.97
C VAL A 80 13.91 13.81 0.23
N ILE A 81 13.70 14.40 1.42
CA ILE A 81 13.42 13.66 2.64
C ILE A 81 11.94 13.93 2.97
N ILE A 82 11.12 12.87 2.95
CA ILE A 82 9.68 12.93 3.20
C ILE A 82 9.31 12.76 4.69
N GLY A 83 8.45 13.67 5.16
CA GLY A 83 7.87 13.63 6.49
C GLY A 83 6.37 13.46 6.42
N GLN A 84 5.72 13.49 7.57
CA GLN A 84 4.27 13.35 7.64
C GLN A 84 3.62 14.70 7.95
N ASP A 85 3.33 15.00 9.23
CA ASP A 85 2.74 16.29 9.58
C ASP A 85 3.63 17.06 10.57
N PRO A 86 3.41 18.38 10.79
CA PRO A 86 4.32 19.12 11.66
C PRO A 86 4.20 18.76 13.14
N TYR A 87 5.24 19.09 13.93
CA TYR A 87 5.21 18.93 15.39
C TYR A 87 4.00 19.73 15.89
N HIS A 88 3.26 19.18 16.88
CA HIS A 88 2.00 19.76 17.33
C HIS A 88 2.06 20.59 18.64
N HIS A 89 3.27 20.99 19.08
CA HIS A 89 3.41 21.85 20.25
C HIS A 89 3.94 23.24 19.82
N PRO A 90 3.49 24.37 20.41
CA PRO A 90 4.06 25.68 20.02
C PRO A 90 5.60 25.74 20.10
N GLY A 91 6.21 26.45 19.16
CA GLY A 91 7.64 26.69 19.09
C GLY A 91 8.50 25.58 18.51
N GLN A 92 7.89 24.44 18.13
CA GLN A 92 8.64 23.29 17.59
C GLN A 92 8.82 23.36 16.06
N ALA A 93 7.71 23.23 15.31
CA ALA A 93 7.71 23.23 13.84
C ALA A 93 7.94 24.62 13.22
N HIS A 94 8.62 24.65 12.06
CA HIS A 94 8.88 25.90 11.35
C HIS A 94 8.74 25.76 9.83
N GLY A 95 8.11 24.66 9.38
CA GLY A 95 7.81 24.44 7.96
C GLY A 95 8.65 23.44 7.22
N LEU A 96 9.60 22.82 7.91
CA LEU A 96 10.46 21.77 7.36
C LEU A 96 10.16 20.45 8.10
N ALA A 97 10.22 19.30 7.39
CA ALA A 97 10.11 17.98 8.04
C ALA A 97 11.30 17.81 9.02
N PHE A 98 11.06 17.09 10.14
CA PHE A 98 12.03 16.74 11.21
C PHE A 98 12.67 17.92 11.96
N SER A 99 13.02 19.00 11.25
CA SER A 99 13.68 20.17 11.84
C SER A 99 12.82 20.83 12.97
N VAL A 100 13.51 21.35 14.00
CA VAL A 100 12.90 22.13 15.10
C VAL A 100 13.57 23.49 15.15
N ARG A 101 12.92 24.48 15.80
CA ARG A 101 13.51 25.81 16.00
C ARG A 101 14.78 25.67 16.84
N ALA A 102 15.77 26.57 16.65
CA ALA A 102 17.09 26.55 17.30
C ALA A 102 17.13 26.33 18.81
N ASN A 103 16.26 26.99 19.57
CA ASN A 103 16.26 26.85 21.04
C ASN A 103 15.68 25.52 21.56
N VAL A 104 15.12 24.67 20.67
CA VAL A 104 14.43 23.43 21.03
C VAL A 104 15.36 22.20 21.10
N PRO A 105 15.41 21.47 22.25
CA PRO A 105 16.21 20.24 22.29
C PRO A 105 15.60 19.24 21.29
N PRO A 106 16.43 18.56 20.48
CA PRO A 106 15.87 17.67 19.46
C PRO A 106 15.00 16.54 20.03
N PRO A 107 13.74 16.39 19.56
CA PRO A 107 12.88 15.29 20.03
C PRO A 107 13.48 13.91 19.67
N PRO A 108 12.95 12.78 20.21
CA PRO A 108 13.62 11.48 19.99
C PRO A 108 13.96 10.99 18.58
N SER A 109 13.04 11.11 17.60
CA SER A 109 13.31 10.69 16.22
C SER A 109 14.44 11.52 15.61
N LEU A 110 14.42 12.85 15.83
CA LEU A 110 15.44 13.75 15.29
C LEU A 110 16.83 13.44 15.90
N ARG A 111 16.89 13.06 17.21
CA ARG A 111 18.15 12.66 17.84
C ARG A 111 18.71 11.44 17.13
N ASN A 112 17.83 10.50 16.72
CA ASN A 112 18.24 9.26 16.01
C ASN A 112 18.74 9.57 14.60
N VAL A 113 18.14 10.56 13.92
CA VAL A 113 18.59 11.02 12.59
C VAL A 113 20.04 11.57 12.76
N LEU A 114 20.25 12.44 13.77
CA LEU A 114 21.55 13.07 14.04
C LEU A 114 22.64 12.09 14.44
N ALA A 115 22.28 10.99 15.13
CA ALA A 115 23.21 9.93 15.53
C ALA A 115 23.64 9.14 14.29
N ALA A 116 22.69 8.89 13.33
CA ALA A 116 22.98 8.18 12.06
C ALA A 116 23.97 9.00 11.22
N VAL A 117 23.82 10.35 11.18
CA VAL A 117 24.72 11.28 10.47
C VAL A 117 26.13 11.12 11.08
N LYS A 118 26.24 11.21 12.42
CA LYS A 118 27.49 11.11 13.13
C LYS A 118 28.17 9.71 12.99
N ASN A 119 27.38 8.63 12.88
CA ASN A 119 27.92 7.27 12.69
C ASN A 119 28.45 7.13 11.26
N CYS A 120 27.77 7.78 10.29
CA CYS A 120 28.17 7.81 8.88
C CYS A 120 29.45 8.65 8.73
N TYR A 121 29.54 9.76 9.48
CA TYR A 121 30.66 10.70 9.41
C TYR A 121 31.20 11.01 10.79
N PRO A 122 32.11 10.15 11.31
CA PRO A 122 32.67 10.36 12.66
C PRO A 122 33.41 11.70 12.84
N GLU A 123 33.90 12.29 11.74
CA GLU A 123 34.61 13.57 11.77
C GLU A 123 33.68 14.79 11.59
N ALA A 124 32.35 14.56 11.39
CA ALA A 124 31.41 15.69 11.24
C ALA A 124 31.31 16.45 12.56
N ARG A 125 31.24 17.78 12.48
CA ARG A 125 31.10 18.63 13.67
C ARG A 125 29.62 18.86 13.86
N MET A 126 29.05 18.22 14.88
CA MET A 126 27.63 18.29 15.20
C MET A 126 27.47 19.31 16.31
N SER A 127 26.49 20.20 16.18
CA SER A 127 26.24 21.26 17.15
C SER A 127 25.48 20.80 18.40
N GLY A 128 24.73 19.73 18.28
CA GLY A 128 23.82 19.27 19.34
C GLY A 128 22.43 19.86 19.14
N HIS A 129 22.27 20.84 18.20
CA HIS A 129 20.96 21.45 17.89
C HIS A 129 20.23 20.64 16.81
N GLY A 130 18.93 20.92 16.64
CA GLY A 130 18.07 20.25 15.69
C GLY A 130 17.47 21.09 14.58
N CYS A 131 18.05 22.30 14.32
CA CYS A 131 17.59 23.20 13.25
C CYS A 131 18.31 22.79 11.96
N LEU A 132 17.54 22.37 10.95
CA LEU A 132 18.10 21.85 9.70
C LEU A 132 18.15 22.80 8.49
N GLU A 133 18.17 24.12 8.73
CA GLU A 133 18.20 25.13 7.65
C GLU A 133 19.44 25.02 6.75
N LYS A 134 20.60 24.65 7.36
CA LYS A 134 21.87 24.45 6.66
C LYS A 134 21.71 23.37 5.55
N TRP A 135 21.05 22.24 5.86
CA TRP A 135 20.79 21.15 4.90
C TRP A 135 19.87 21.68 3.79
N ALA A 136 18.78 22.40 4.16
CA ALA A 136 17.79 22.97 3.24
C ALA A 136 18.44 23.94 2.21
N ARG A 137 19.33 24.84 2.66
CA ARG A 137 20.07 25.74 1.75
C ARG A 137 20.99 24.96 0.80
N ASP A 138 21.43 23.72 1.19
CA ASP A 138 22.31 22.84 0.40
C ASP A 138 21.56 21.88 -0.55
N GLY A 139 20.24 22.07 -0.71
CA GLY A 139 19.46 21.24 -1.60
C GLY A 139 18.86 19.97 -1.00
N VAL A 140 18.74 19.92 0.34
CA VAL A 140 18.09 18.83 1.04
C VAL A 140 16.64 19.30 1.29
N LEU A 141 15.69 18.85 0.47
CA LEU A 141 14.28 19.26 0.58
C LEU A 141 13.57 18.40 1.66
N LEU A 142 13.25 19.02 2.81
CA LEU A 142 12.67 18.35 3.98
C LEU A 142 11.19 18.64 3.97
N LEU A 143 10.48 17.80 3.27
CA LEU A 143 9.07 17.99 2.94
C LEU A 143 8.05 17.07 3.61
N ASN A 144 7.20 17.67 4.47
CA ASN A 144 6.05 17.01 5.08
C ASN A 144 4.93 16.92 4.02
N THR A 145 4.14 15.82 4.03
CA THR A 145 3.03 15.68 3.10
C THR A 145 1.82 16.45 3.61
N THR A 146 1.76 16.67 4.95
CA THR A 146 0.73 17.49 5.59
C THR A 146 1.44 18.75 6.12
N LEU A 147 0.96 19.93 5.72
CA LEU A 147 1.65 21.17 6.07
C LEU A 147 1.22 21.87 7.36
N THR A 148 0.06 21.49 7.91
CA THR A 148 -0.47 22.12 9.13
C THR A 148 -0.98 21.05 10.09
N VAL A 149 -1.23 21.44 11.34
CA VAL A 149 -1.73 20.58 12.41
C VAL A 149 -2.44 21.42 13.48
N LYS A 150 -3.44 20.84 14.13
CA LYS A 150 -4.11 21.45 15.27
C LYS A 150 -3.20 21.12 16.49
N ARG A 151 -2.90 22.12 17.33
CA ARG A 151 -2.10 21.92 18.54
C ARG A 151 -2.62 20.73 19.40
N GLY A 152 -1.73 19.81 19.78
CA GLY A 152 -2.08 18.69 20.63
C GLY A 152 -2.74 17.49 19.97
N ALA A 153 -2.94 17.52 18.63
CA ALA A 153 -3.59 16.40 17.95
C ALA A 153 -2.83 16.00 16.67
N ALA A 154 -2.07 14.89 16.73
CA ALA A 154 -1.30 14.40 15.58
C ALA A 154 -2.26 13.94 14.46
N ALA A 155 -1.96 14.32 13.17
CA ALA A 155 -2.71 13.98 11.96
C ALA A 155 -4.10 14.63 11.87
N SER A 156 -4.38 15.62 12.71
CA SER A 156 -5.68 16.30 12.76
C SER A 156 -6.02 17.02 11.46
N HIS A 157 -5.01 17.49 10.70
CA HIS A 157 -5.24 18.19 9.42
C HIS A 157 -4.75 17.30 8.24
N SER A 158 -4.68 15.96 8.46
CA SER A 158 -4.17 15.04 7.44
C SER A 158 -5.15 14.68 6.32
N ARG A 159 -6.43 15.06 6.47
CA ARG A 159 -7.47 14.72 5.50
C ARG A 159 -8.21 15.94 4.90
N ILE A 160 -7.55 17.08 4.84
CA ILE A 160 -8.13 18.30 4.28
C ILE A 160 -7.60 18.67 2.86
N GLY A 161 -6.67 17.87 2.31
CA GLY A 161 -6.12 18.09 0.97
C GLY A 161 -4.63 18.40 0.81
N TRP A 162 -3.88 18.69 1.91
CA TRP A 162 -2.43 18.99 1.83
C TRP A 162 -1.62 17.92 1.08
N ASP A 163 -1.84 16.62 1.38
CA ASP A 163 -1.06 15.55 0.72
C ASP A 163 -1.28 15.49 -0.79
N ARG A 164 -2.47 15.84 -1.28
CA ARG A 164 -2.76 15.84 -2.71
C ARG A 164 -2.00 17.00 -3.37
N PHE A 165 -2.05 18.21 -2.73
CA PHE A 165 -1.39 19.45 -3.19
C PHE A 165 0.14 19.20 -3.25
N VAL A 166 0.73 18.74 -2.12
CA VAL A 166 2.17 18.46 -1.98
C VAL A 166 2.59 17.32 -2.93
N GLY A 167 1.71 16.30 -3.07
CA GLY A 167 1.90 15.18 -3.99
C GLY A 167 2.11 15.65 -5.41
N GLY A 168 1.34 16.67 -5.81
CA GLY A 168 1.43 17.33 -7.11
C GLY A 168 2.74 18.07 -7.29
N VAL A 169 3.20 18.78 -6.26
CA VAL A 169 4.48 19.53 -6.29
C VAL A 169 5.68 18.55 -6.47
N ILE A 170 5.68 17.42 -5.73
CA ILE A 170 6.73 16.40 -5.79
C ILE A 170 6.78 15.75 -7.15
N ARG A 171 5.61 15.38 -7.71
CA ARG A 171 5.52 14.76 -9.03
C ARG A 171 6.16 15.66 -10.12
N ARG A 172 5.83 16.97 -10.11
CA ARG A 172 6.39 17.92 -11.10
C ARG A 172 7.88 18.14 -10.85
N LEU A 173 8.30 18.18 -9.57
CA LEU A 173 9.73 18.31 -9.24
C LEU A 173 10.51 17.11 -9.83
N ALA A 174 10.03 15.88 -9.57
CA ALA A 174 10.60 14.60 -10.04
C ALA A 174 10.66 14.49 -11.56
N ALA A 175 9.63 15.04 -12.26
CA ALA A 175 9.49 15.05 -13.73
C ALA A 175 10.43 16.03 -14.44
N ARG A 176 10.86 17.11 -13.78
CA ARG A 176 11.78 18.15 -14.33
C ARG A 176 13.02 17.51 -15.00
N ARG A 177 13.70 16.60 -14.27
CA ARG A 177 14.90 15.87 -14.74
C ARG A 177 15.19 14.63 -13.86
N PRO A 178 15.82 13.56 -14.41
CA PRO A 178 16.17 12.41 -13.56
C PRO A 178 17.29 12.76 -12.57
N GLY A 179 17.60 11.83 -11.67
CA GLY A 179 18.72 12.00 -10.76
C GLY A 179 18.47 12.56 -9.38
N LEU A 180 17.21 12.66 -8.94
CA LEU A 180 17.00 13.10 -7.56
C LEU A 180 17.36 11.94 -6.61
N VAL A 181 17.71 12.26 -5.35
CA VAL A 181 17.87 11.25 -4.32
C VAL A 181 16.59 11.37 -3.47
N PHE A 182 15.92 10.23 -3.19
CA PHE A 182 14.77 10.22 -2.27
C PHE A 182 15.14 9.32 -1.06
N MET A 183 14.95 9.85 0.17
CA MET A 183 15.16 9.12 1.44
C MET A 183 13.77 8.97 2.05
N LEU A 184 13.25 7.72 2.04
CA LEU A 184 11.90 7.39 2.44
C LEU A 184 11.91 6.52 3.68
N TRP A 185 11.66 7.14 4.83
CA TRP A 185 11.77 6.50 6.14
C TRP A 185 10.42 6.15 6.74
N GLY A 186 10.23 4.87 6.96
CA GLY A 186 8.97 4.34 7.50
C GLY A 186 7.97 4.00 6.41
N THR A 187 6.98 3.19 6.79
CA THR A 187 5.90 2.67 5.93
C THR A 187 5.09 3.74 5.21
N HIS A 188 4.71 4.80 5.93
CA HIS A 188 3.87 5.88 5.40
C HIS A 188 4.53 6.60 4.23
N ALA A 189 5.82 6.99 4.35
CA ALA A 189 6.58 7.67 3.29
C ALA A 189 6.77 6.73 2.08
N GLN A 190 7.06 5.45 2.34
CA GLN A 190 7.26 4.43 1.33
C GLN A 190 6.01 4.06 0.54
N ASN A 191 4.82 4.07 1.19
CA ASN A 191 3.52 3.79 0.53
C ASN A 191 3.02 4.98 -0.30
N ALA A 192 3.14 6.20 0.25
CA ALA A 192 2.68 7.43 -0.38
C ALA A 192 3.53 7.94 -1.57
N ILE A 193 4.87 7.88 -1.45
CA ILE A 193 5.82 8.40 -2.46
C ILE A 193 6.56 7.22 -3.13
N ARG A 194 6.27 6.96 -4.42
CA ARG A 194 6.86 5.82 -5.13
C ARG A 194 7.56 6.25 -6.42
N PRO A 195 8.75 6.91 -6.34
CA PRO A 195 9.43 7.31 -7.58
C PRO A 195 10.00 6.11 -8.32
N ASP A 196 10.21 6.27 -9.64
CA ASP A 196 10.77 5.24 -10.51
C ASP A 196 12.25 5.04 -10.13
N PRO A 197 12.64 3.82 -9.63
CA PRO A 197 14.03 3.61 -9.20
C PRO A 197 15.12 3.56 -10.29
N ARG A 198 14.74 3.59 -11.58
CA ARG A 198 15.67 3.61 -12.72
C ARG A 198 15.96 5.04 -13.15
N VAL A 199 15.14 6.01 -12.69
CA VAL A 199 15.18 7.46 -12.98
C VAL A 199 15.82 8.24 -11.78
N HIS A 200 15.42 7.87 -10.55
CA HIS A 200 15.88 8.52 -9.31
C HIS A 200 16.53 7.51 -8.40
N CYS A 201 17.40 7.98 -7.49
CA CYS A 201 18.07 7.14 -6.49
C CYS A 201 17.11 7.07 -5.32
N VAL A 202 16.41 5.92 -5.17
CA VAL A 202 15.38 5.69 -4.16
C VAL A 202 15.96 4.89 -3.01
N LEU A 203 16.09 5.53 -1.84
CA LEU A 203 16.65 4.94 -0.62
C LEU A 203 15.56 4.75 0.43
N LYS A 204 15.44 3.52 0.92
CA LYS A 204 14.40 3.14 1.91
C LYS A 204 15.01 2.65 3.22
N PHE A 205 14.38 3.03 4.34
CA PHE A 205 14.76 2.58 5.67
C PHE A 205 13.55 2.59 6.59
N SER A 206 13.66 1.93 7.75
CA SER A 206 12.66 2.00 8.80
C SER A 206 12.71 3.48 9.34
N HIS A 207 11.66 3.90 10.05
CA HIS A 207 11.53 5.27 10.58
C HIS A 207 12.56 5.58 11.70
N PRO A 208 13.05 6.83 11.83
CA PRO A 208 13.97 7.12 12.96
C PRO A 208 13.39 7.00 14.37
N SER A 209 12.04 6.88 14.50
CA SER A 209 11.38 6.67 15.80
C SER A 209 12.08 5.60 16.63
N PRO A 210 12.24 5.83 17.96
CA PRO A 210 12.81 4.77 18.84
C PRO A 210 11.99 3.47 18.84
N LEU A 211 10.72 3.53 18.41
CA LEU A 211 9.83 2.36 18.36
C LEU A 211 10.05 1.44 17.11
N SER A 212 10.89 1.83 16.15
CA SER A 212 11.17 1.02 14.94
C SER A 212 11.86 -0.33 15.26
N LYS A 213 11.67 -1.32 14.37
CA LYS A 213 12.20 -2.69 14.42
C LYS A 213 13.73 -2.75 14.44
N VAL A 214 14.40 -1.79 13.77
CA VAL A 214 15.87 -1.66 13.60
C VAL A 214 16.32 -0.26 14.12
N PRO A 215 17.46 -0.15 14.88
CA PRO A 215 17.92 1.19 15.32
C PRO A 215 18.27 2.08 14.12
N PHE A 216 17.72 3.32 14.08
CA PHE A 216 18.01 4.23 12.97
C PHE A 216 19.48 4.63 12.87
N GLY A 217 20.22 4.60 13.99
CA GLY A 217 21.65 4.90 14.03
C GLY A 217 22.48 4.09 13.02
N THR A 218 21.93 2.95 12.54
CA THR A 218 22.57 2.05 11.56
C THR A 218 22.30 2.45 10.09
N CYS A 219 21.46 3.50 9.87
CA CYS A 219 21.10 3.99 8.53
C CYS A 219 22.30 4.66 7.86
N GLN A 220 22.60 4.24 6.62
CA GLN A 220 23.74 4.76 5.86
C GLN A 220 23.35 5.60 4.62
N HIS A 221 22.08 6.07 4.56
CA HIS A 221 21.55 6.88 3.46
C HIS A 221 22.42 8.06 3.12
N PHE A 222 22.95 8.73 4.16
CA PHE A 222 23.81 9.91 4.04
C PHE A 222 25.10 9.67 3.22
N LEU A 223 25.69 8.47 3.35
CA LEU A 223 26.89 8.03 2.62
C LEU A 223 26.49 7.56 1.21
N VAL A 224 25.43 6.71 1.11
CA VAL A 224 24.94 6.19 -0.18
C VAL A 224 24.50 7.35 -1.12
N ALA A 225 23.74 8.33 -0.57
CA ALA A 225 23.31 9.50 -1.35
C ALA A 225 24.55 10.26 -1.89
N ASN A 226 25.58 10.46 -1.04
CA ASN A 226 26.81 11.17 -1.47
C ASN A 226 27.62 10.42 -2.52
N ARG A 227 27.67 9.06 -2.44
CA ARG A 227 28.35 8.26 -3.48
C ARG A 227 27.57 8.36 -4.79
N TYR A 228 26.20 8.43 -4.72
CA TYR A 228 25.38 8.61 -5.93
C TYR A 228 25.66 9.94 -6.63
N LEU A 229 25.67 11.06 -5.85
CA LEU A 229 25.89 12.41 -6.34
C LEU A 229 27.22 12.54 -7.07
N GLU A 230 28.26 11.84 -6.55
CA GLU A 230 29.60 11.81 -7.14
C GLU A 230 29.63 11.15 -8.53
N THR A 231 28.83 10.08 -8.74
CA THR A 231 28.73 9.39 -10.03
C THR A 231 28.07 10.27 -11.10
N ARG A 232 27.26 11.26 -10.66
CA ARG A 232 26.57 12.22 -11.54
C ARG A 232 27.39 13.51 -11.67
N SER A 233 28.62 13.53 -11.10
CA SER A 233 29.54 14.67 -11.07
C SER A 233 28.97 15.90 -10.30
N ILE A 234 28.15 15.62 -9.25
CA ILE A 234 27.59 16.63 -8.34
C ILE A 234 28.38 16.53 -7.03
N SER A 235 28.72 17.69 -6.43
CA SER A 235 29.48 17.75 -5.19
C SER A 235 28.67 17.17 -4.02
N PRO A 236 29.31 16.51 -3.04
CA PRO A 236 28.53 15.90 -1.96
C PRO A 236 27.92 16.88 -0.95
N ILE A 237 26.89 16.41 -0.21
CA ILE A 237 26.25 17.17 0.85
C ILE A 237 27.18 17.07 2.09
N ASP A 238 27.42 18.20 2.78
CA ASP A 238 28.12 18.24 4.06
C ASP A 238 26.98 18.04 5.07
N TRP A 239 26.90 16.84 5.68
CA TRP A 239 25.81 16.51 6.61
C TRP A 239 25.92 17.07 8.04
N SER A 240 27.05 17.78 8.36
CA SER A 240 27.28 18.44 9.66
C SER A 240 26.16 19.44 9.95
N VAL A 241 25.63 19.44 11.17
CA VAL A 241 24.53 20.34 11.55
C VAL A 241 24.48 20.51 13.07
N ASP B 15 -23.16 -40.67 -14.10
CA ASP B 15 -22.77 -39.27 -14.16
C ASP B 15 -21.27 -39.03 -14.16
N TRP B 16 -20.51 -39.54 -13.15
CA TRP B 16 -19.06 -39.33 -13.07
C TRP B 16 -18.28 -39.74 -14.34
N THR B 17 -18.62 -40.90 -14.93
CA THR B 17 -17.98 -41.45 -16.13
C THR B 17 -18.00 -40.45 -17.29
N THR B 18 -19.20 -39.91 -17.61
CA THR B 18 -19.39 -38.94 -18.68
C THR B 18 -18.84 -37.57 -18.31
N PHE B 19 -18.98 -37.17 -17.01
CA PHE B 19 -18.50 -35.90 -16.46
C PHE B 19 -16.99 -35.76 -16.66
N ARG B 20 -16.22 -36.82 -16.35
CA ARG B 20 -14.76 -36.88 -16.51
C ARG B 20 -14.38 -36.91 -17.98
N ARG B 21 -15.23 -37.50 -18.85
CA ARG B 21 -14.99 -37.58 -20.30
C ARG B 21 -15.24 -36.24 -21.01
N VAL B 22 -16.34 -35.54 -20.63
CA VAL B 22 -16.75 -34.24 -21.17
C VAL B 22 -15.71 -33.13 -20.90
N PHE B 23 -15.20 -33.06 -19.65
CA PHE B 23 -14.23 -32.05 -19.24
C PHE B 23 -12.76 -32.50 -19.23
N LEU B 24 -12.50 -33.80 -19.52
CA LEU B 24 -11.16 -34.41 -19.51
C LEU B 24 -10.46 -34.29 -18.14
N ILE B 25 -11.24 -34.50 -17.05
CA ILE B 25 -10.81 -34.44 -15.64
C ILE B 25 -10.02 -35.71 -15.29
N ASP B 26 -8.84 -35.55 -14.65
CA ASP B 26 -8.00 -36.66 -14.20
C ASP B 26 -8.68 -37.34 -13.00
N ASP B 27 -8.83 -38.68 -13.06
CA ASP B 27 -9.48 -39.51 -12.05
C ASP B 27 -8.95 -39.41 -10.60
N ALA B 28 -7.72 -38.89 -10.42
CA ALA B 28 -7.11 -38.68 -9.10
C ALA B 28 -7.95 -37.71 -8.24
N TRP B 29 -8.67 -36.77 -8.88
CA TRP B 29 -9.56 -35.77 -8.28
C TRP B 29 -10.99 -36.28 -8.00
N ARG B 30 -11.29 -37.55 -8.39
CA ARG B 30 -12.60 -38.18 -8.21
C ARG B 30 -13.23 -38.17 -6.80
N PRO B 31 -12.54 -38.51 -5.68
CA PRO B 31 -13.24 -38.50 -4.38
C PRO B 31 -13.62 -37.13 -3.84
N LEU B 32 -12.92 -36.09 -4.31
CA LEU B 32 -13.13 -34.69 -3.91
C LEU B 32 -14.25 -34.05 -4.76
N MET B 33 -14.33 -34.43 -6.04
CA MET B 33 -15.30 -33.89 -7.00
C MET B 33 -16.65 -34.64 -7.08
N GLU B 34 -16.64 -36.00 -7.18
CA GLU B 34 -17.86 -36.83 -7.27
C GLU B 34 -18.99 -36.48 -6.25
N PRO B 35 -18.73 -36.23 -4.92
CA PRO B 35 -19.85 -35.87 -4.02
C PRO B 35 -20.60 -34.59 -4.39
N GLU B 36 -19.96 -33.66 -5.16
CA GLU B 36 -20.58 -32.41 -5.61
C GLU B 36 -21.70 -32.68 -6.61
N LEU B 37 -21.53 -33.70 -7.48
CA LEU B 37 -22.51 -34.09 -8.52
C LEU B 37 -23.85 -34.53 -7.91
N ALA B 38 -23.83 -35.07 -6.69
CA ALA B 38 -25.01 -35.52 -5.95
C ALA B 38 -25.92 -34.34 -5.59
N ASN B 39 -25.32 -33.15 -5.33
CA ASN B 39 -26.03 -31.91 -4.99
C ASN B 39 -26.93 -31.47 -6.16
N PRO B 40 -28.24 -31.19 -5.92
CA PRO B 40 -29.13 -30.78 -7.03
C PRO B 40 -28.72 -29.45 -7.69
N LEU B 41 -28.09 -28.55 -6.91
CA LEU B 41 -27.61 -27.24 -7.39
C LEU B 41 -26.55 -27.34 -8.49
N THR B 42 -25.80 -28.48 -8.51
CA THR B 42 -24.78 -28.78 -9.52
C THR B 42 -25.42 -28.99 -10.90
N ALA B 43 -26.60 -29.64 -10.93
CA ALA B 43 -27.36 -29.89 -12.16
C ALA B 43 -27.84 -28.57 -12.80
N HIS B 44 -28.29 -27.60 -11.96
CA HIS B 44 -28.73 -26.27 -12.39
C HIS B 44 -27.56 -25.51 -13.02
N LEU B 45 -26.36 -25.57 -12.38
CA LEU B 45 -25.11 -24.96 -12.82
C LEU B 45 -24.64 -25.55 -14.16
N LEU B 46 -24.63 -26.89 -14.28
CA LEU B 46 -24.21 -27.61 -15.48
C LEU B 46 -25.13 -27.37 -16.67
N ALA B 47 -26.44 -27.19 -16.42
CA ALA B 47 -27.43 -26.87 -17.45
C ALA B 47 -27.24 -25.41 -17.90
N GLU B 48 -26.97 -24.51 -16.93
CA GLU B 48 -26.70 -23.07 -17.15
C GLU B 48 -25.44 -22.92 -18.00
N TYR B 49 -24.36 -23.66 -17.67
CA TYR B 49 -23.09 -23.65 -18.40
C TYR B 49 -23.28 -24.08 -19.86
N ASN B 50 -24.01 -25.19 -20.08
CA ASN B 50 -24.30 -25.74 -21.42
C ASN B 50 -25.14 -24.74 -22.25
N ARG B 51 -26.11 -24.07 -21.59
CA ARG B 51 -26.98 -23.04 -22.18
C ARG B 51 -26.17 -21.82 -22.60
N ARG B 52 -25.17 -21.42 -21.78
CA ARG B 52 -24.29 -20.28 -22.04
C ARG B 52 -23.37 -20.61 -23.23
N CYS B 53 -22.86 -21.86 -23.30
CA CYS B 53 -22.00 -22.36 -24.37
C CYS B 53 -22.68 -22.34 -25.73
N GLN B 54 -23.99 -22.65 -25.77
CA GLN B 54 -24.80 -22.69 -26.98
C GLN B 54 -25.34 -21.33 -27.43
N THR B 55 -25.16 -20.25 -26.63
CA THR B 55 -25.64 -18.90 -26.97
C THR B 55 -24.52 -17.86 -27.12
N GLU B 56 -23.44 -17.99 -26.36
CA GLU B 56 -22.34 -17.02 -26.37
C GLU B 56 -20.96 -17.68 -26.38
N GLU B 57 -19.89 -16.87 -26.58
CA GLU B 57 -18.50 -17.31 -26.55
C GLU B 57 -18.04 -17.41 -25.09
N VAL B 58 -17.94 -18.65 -24.58
CA VAL B 58 -17.53 -18.93 -23.20
C VAL B 58 -16.03 -19.22 -23.17
N LEU B 59 -15.33 -18.57 -22.22
CA LEU B 59 -13.90 -18.74 -22.00
C LEU B 59 -13.66 -19.31 -20.60
N PRO B 60 -12.65 -20.19 -20.39
CA PRO B 60 -11.72 -20.75 -21.39
C PRO B 60 -12.39 -21.88 -22.20
N PRO B 61 -11.78 -22.41 -23.31
CA PRO B 61 -12.40 -23.54 -24.01
C PRO B 61 -12.70 -24.71 -23.07
N ARG B 62 -13.83 -25.44 -23.32
CA ARG B 62 -14.33 -26.58 -22.53
C ARG B 62 -13.26 -27.54 -21.97
N GLU B 63 -12.28 -27.96 -22.81
CA GLU B 63 -11.23 -28.89 -22.40
C GLU B 63 -10.26 -28.31 -21.35
N ASP B 64 -10.03 -26.99 -21.37
CA ASP B 64 -9.15 -26.30 -20.42
C ASP B 64 -9.81 -25.99 -19.06
N VAL B 65 -11.16 -25.92 -19.00
CA VAL B 65 -11.94 -25.58 -17.79
C VAL B 65 -11.43 -26.26 -16.49
N PHE B 66 -11.10 -27.56 -16.56
CA PHE B 66 -10.60 -28.33 -15.43
C PHE B 66 -9.14 -28.78 -15.59
N SER B 67 -8.30 -27.94 -16.26
CA SER B 67 -6.87 -28.24 -16.46
C SER B 67 -6.13 -28.34 -15.10
N TRP B 68 -6.67 -27.66 -14.04
CA TRP B 68 -6.12 -27.68 -12.68
C TRP B 68 -6.16 -29.09 -12.03
N THR B 69 -6.94 -30.02 -12.62
CA THR B 69 -7.06 -31.42 -12.18
C THR B 69 -5.98 -32.29 -12.84
N ARG B 70 -5.46 -31.86 -14.01
CA ARG B 70 -4.46 -32.54 -14.82
C ARG B 70 -3.01 -32.34 -14.41
N TYR B 71 -2.63 -31.10 -13.99
CA TYR B 71 -1.24 -30.80 -13.62
C TYR B 71 -0.73 -31.55 -12.40
N CYS B 72 -1.57 -31.67 -11.34
CA CYS B 72 -1.21 -32.45 -10.13
C CYS B 72 -2.43 -33.13 -9.49
N THR B 73 -2.18 -34.21 -8.72
CA THR B 73 -3.18 -34.99 -8.00
C THR B 73 -3.55 -34.26 -6.67
N PRO B 74 -4.69 -34.58 -5.99
CA PRO B 74 -4.98 -33.91 -4.70
C PRO B 74 -3.90 -34.08 -3.63
N ASP B 75 -3.18 -35.22 -3.65
CA ASP B 75 -2.10 -35.57 -2.72
C ASP B 75 -0.78 -34.82 -2.98
N GLU B 76 -0.61 -34.27 -4.20
CA GLU B 76 0.58 -33.53 -4.59
C GLU B 76 0.49 -32.05 -4.23
N VAL B 77 -0.74 -31.54 -3.96
CA VAL B 77 -1.05 -30.14 -3.61
C VAL B 77 -0.35 -29.72 -2.31
N ARG B 78 0.36 -28.57 -2.36
CA ARG B 78 1.13 -27.98 -1.25
C ARG B 78 0.64 -26.57 -0.93
N VAL B 79 0.33 -25.77 -1.98
CA VAL B 79 -0.13 -24.38 -1.86
C VAL B 79 -1.38 -24.17 -2.72
N VAL B 80 -2.38 -23.48 -2.17
CA VAL B 80 -3.62 -23.11 -2.85
C VAL B 80 -3.66 -21.59 -2.97
N ILE B 81 -3.63 -21.07 -4.21
CA ILE B 81 -3.73 -19.64 -4.51
C ILE B 81 -5.12 -19.41 -5.13
N ILE B 82 -5.95 -18.57 -4.48
CA ILE B 82 -7.32 -18.29 -4.91
C ILE B 82 -7.43 -17.10 -5.87
N GLY B 83 -8.06 -17.35 -7.02
CA GLY B 83 -8.33 -16.31 -8.02
C GLY B 83 -9.80 -15.94 -8.05
N GLN B 84 -10.23 -15.20 -9.08
CA GLN B 84 -11.64 -14.82 -9.17
C GLN B 84 -12.33 -15.56 -10.34
N ASP B 85 -12.36 -14.93 -11.53
CA ASP B 85 -12.94 -15.51 -12.74
C ASP B 85 -11.85 -15.45 -13.83
N PRO B 86 -11.97 -16.24 -14.93
CA PRO B 86 -10.87 -16.26 -15.91
C PRO B 86 -10.74 -14.98 -16.74
N TYR B 87 -9.55 -14.79 -17.36
CA TYR B 87 -9.28 -13.66 -18.27
C TYR B 87 -10.37 -13.67 -19.35
N HIS B 88 -10.99 -12.49 -19.60
CA HIS B 88 -12.14 -12.30 -20.48
C HIS B 88 -11.85 -12.13 -21.99
N HIS B 89 -10.56 -12.21 -22.40
CA HIS B 89 -10.15 -12.09 -23.81
C HIS B 89 -9.69 -13.45 -24.35
N PRO B 90 -9.96 -13.78 -25.64
CA PRO B 90 -9.50 -15.08 -26.20
C PRO B 90 -7.98 -15.28 -26.14
N GLY B 91 -7.59 -16.54 -25.91
CA GLY B 91 -6.20 -16.99 -25.86
C GLY B 91 -5.41 -16.59 -24.63
N GLN B 92 -6.10 -16.22 -23.53
CA GLN B 92 -5.43 -15.82 -22.30
C GLN B 92 -5.56 -16.88 -21.22
N ALA B 93 -6.79 -17.09 -20.71
CA ALA B 93 -7.09 -18.09 -19.69
C ALA B 93 -7.02 -19.51 -20.25
N HIS B 94 -6.47 -20.45 -19.46
CA HIS B 94 -6.33 -21.86 -19.84
C HIS B 94 -6.71 -22.83 -18.69
N GLY B 95 -7.55 -22.36 -17.77
CA GLY B 95 -8.06 -23.15 -16.65
C GLY B 95 -7.38 -22.98 -15.32
N LEU B 96 -6.39 -22.08 -15.25
CA LEU B 96 -5.65 -21.80 -14.00
C LEU B 96 -5.84 -20.34 -13.61
N ALA B 97 -5.84 -20.07 -12.31
CA ALA B 97 -5.93 -18.71 -11.79
C ALA B 97 -4.59 -18.02 -12.11
N PHE B 98 -4.65 -16.73 -12.52
CA PHE B 98 -3.50 -15.85 -12.83
C PHE B 98 -2.67 -16.18 -14.06
N SER B 99 -2.41 -17.48 -14.30
CA SER B 99 -1.61 -17.97 -15.42
C SER B 99 -2.21 -17.61 -16.79
N VAL B 100 -1.33 -17.23 -17.73
CA VAL B 100 -1.70 -16.96 -19.13
C VAL B 100 -0.98 -17.99 -20.04
N ARG B 101 -1.39 -18.07 -21.33
CA ARG B 101 -0.73 -18.93 -22.32
C ARG B 101 0.64 -18.31 -22.63
N ALA B 102 1.65 -19.16 -22.90
CA ALA B 102 3.05 -18.80 -23.14
C ALA B 102 3.33 -17.62 -24.07
N ASN B 103 2.50 -17.44 -25.11
CA ASN B 103 2.63 -16.36 -26.10
C ASN B 103 2.03 -15.01 -25.63
N VAL B 104 1.39 -14.98 -24.45
CA VAL B 104 0.75 -13.78 -23.92
C VAL B 104 1.63 -13.03 -22.92
N PRO B 105 1.98 -11.74 -23.17
CA PRO B 105 2.79 -10.99 -22.18
C PRO B 105 2.07 -10.93 -20.82
N PRO B 106 2.78 -11.12 -19.68
CA PRO B 106 2.09 -11.10 -18.38
C PRO B 106 1.25 -9.83 -18.12
N PRO B 107 -0.08 -9.96 -17.84
CA PRO B 107 -0.90 -8.76 -17.55
C PRO B 107 -0.45 -8.07 -16.22
N PRO B 108 -0.88 -6.81 -15.93
CA PRO B 108 -0.38 -6.11 -14.73
C PRO B 108 -0.35 -6.84 -13.38
N SER B 109 -1.44 -7.52 -12.97
CA SER B 109 -1.42 -8.22 -11.67
C SER B 109 -0.41 -9.35 -11.63
N LEU B 110 -0.31 -10.13 -12.73
CA LEU B 110 0.63 -11.26 -12.81
C LEU B 110 2.08 -10.75 -12.74
N ARG B 111 2.35 -9.61 -13.38
CA ARG B 111 3.63 -8.92 -13.36
C ARG B 111 4.00 -8.55 -11.91
N ASN B 112 2.99 -8.13 -11.10
CA ASN B 112 3.20 -7.79 -9.68
C ASN B 112 3.45 -9.04 -8.83
N VAL B 113 2.80 -10.19 -9.18
CA VAL B 113 3.02 -11.49 -8.53
C VAL B 113 4.50 -11.91 -8.73
N LEU B 114 4.96 -11.84 -9.99
CA LEU B 114 6.32 -12.23 -10.40
C LEU B 114 7.40 -11.32 -9.80
N ALA B 115 7.08 -10.01 -9.63
CA ALA B 115 7.98 -9.04 -8.97
C ALA B 115 8.17 -9.42 -7.48
N ALA B 116 7.08 -9.85 -6.80
CA ALA B 116 7.09 -10.27 -5.38
C ALA B 116 7.96 -11.52 -5.20
N VAL B 117 7.83 -12.50 -6.14
CA VAL B 117 8.61 -13.74 -6.19
C VAL B 117 10.10 -13.36 -6.21
N LYS B 118 10.47 -12.43 -7.13
CA LYS B 118 11.82 -11.94 -7.35
C LYS B 118 12.36 -11.14 -6.17
N ASN B 119 11.50 -10.41 -5.44
CA ASN B 119 11.95 -9.67 -4.25
C ASN B 119 12.17 -10.63 -3.08
N CYS B 120 11.37 -11.73 -3.02
CA CYS B 120 11.47 -12.79 -2.01
C CYS B 120 12.73 -13.59 -2.26
N TYR B 121 13.00 -13.89 -3.56
CA TYR B 121 14.14 -14.68 -3.99
C TYR B 121 14.95 -13.92 -5.05
N PRO B 122 15.88 -13.04 -4.61
CA PRO B 122 16.67 -12.25 -5.59
C PRO B 122 17.51 -13.03 -6.60
N GLU B 123 17.85 -14.30 -6.33
CA GLU B 123 18.63 -15.11 -7.28
C GLU B 123 17.79 -15.98 -8.22
N ALA B 124 16.45 -15.95 -8.10
CA ALA B 124 15.55 -16.73 -8.96
C ALA B 124 15.73 -16.35 -10.44
N ARG B 125 15.83 -17.37 -11.30
CA ARG B 125 16.01 -17.17 -12.74
C ARG B 125 14.61 -17.14 -13.35
N MET B 126 14.13 -15.92 -13.68
CA MET B 126 12.80 -15.71 -14.23
C MET B 126 12.86 -15.70 -15.76
N SER B 127 11.81 -16.23 -16.43
CA SER B 127 11.77 -16.26 -17.90
C SER B 127 11.25 -14.94 -18.52
N GLY B 128 10.36 -14.27 -17.80
CA GLY B 128 9.70 -13.05 -18.27
C GLY B 128 8.34 -13.37 -18.85
N HIS B 129 7.96 -14.66 -18.86
CA HIS B 129 6.68 -15.14 -19.35
C HIS B 129 5.71 -15.39 -18.18
N GLY B 130 4.43 -15.59 -18.49
CA GLY B 130 3.39 -15.76 -17.49
C GLY B 130 2.68 -17.10 -17.45
N CYS B 131 3.23 -18.16 -18.07
CA CYS B 131 2.62 -19.48 -17.98
C CYS B 131 3.10 -20.14 -16.69
N LEU B 132 2.16 -20.52 -15.81
CA LEU B 132 2.48 -21.08 -14.49
C LEU B 132 2.34 -22.60 -14.34
N GLU B 133 2.42 -23.34 -15.49
CA GLU B 133 2.36 -24.81 -15.56
C GLU B 133 3.36 -25.49 -14.60
N LYS B 134 4.57 -24.92 -14.49
CA LYS B 134 5.67 -25.37 -13.61
C LYS B 134 5.22 -25.32 -12.14
N TRP B 135 4.43 -24.28 -11.75
CA TRP B 135 3.92 -24.14 -10.38
C TRP B 135 2.88 -25.22 -10.12
N ALA B 136 1.91 -25.35 -11.04
CA ALA B 136 0.83 -26.33 -11.04
C ALA B 136 1.33 -27.77 -10.91
N ARG B 137 2.43 -28.08 -11.61
CA ARG B 137 3.12 -29.37 -11.62
C ARG B 137 3.75 -29.68 -10.26
N ASP B 138 4.21 -28.63 -9.54
CA ASP B 138 4.88 -28.74 -8.23
C ASP B 138 3.96 -28.65 -7.00
N GLY B 139 2.65 -28.75 -7.21
CA GLY B 139 1.67 -28.72 -6.13
C GLY B 139 1.10 -27.35 -5.79
N VAL B 140 1.23 -26.37 -6.70
CA VAL B 140 0.67 -25.03 -6.51
C VAL B 140 -0.69 -25.00 -7.25
N LEU B 141 -1.79 -25.21 -6.50
CA LEU B 141 -3.15 -25.25 -7.02
C LEU B 141 -3.66 -23.80 -7.24
N LEU B 142 -3.76 -23.39 -8.51
CA LEU B 142 -4.19 -22.05 -8.93
C LEU B 142 -5.65 -22.14 -9.33
N LEU B 143 -6.50 -21.99 -8.31
CA LEU B 143 -7.92 -22.17 -8.44
C LEU B 143 -8.78 -20.91 -8.34
N ASN B 144 -9.51 -20.62 -9.44
CA ASN B 144 -10.48 -19.54 -9.53
C ASN B 144 -11.78 -20.08 -8.91
N THR B 145 -12.55 -19.23 -8.22
CA THR B 145 -13.85 -19.57 -7.63
C THR B 145 -14.90 -19.72 -8.75
N THR B 146 -14.78 -18.88 -9.81
CA THR B 146 -15.63 -18.89 -11.00
C THR B 146 -14.77 -19.44 -12.14
N LEU B 147 -15.16 -20.61 -12.67
CA LEU B 147 -14.41 -21.31 -13.70
C LEU B 147 -14.62 -20.81 -15.13
N THR B 148 -15.69 -20.05 -15.39
CA THR B 148 -15.98 -19.56 -16.75
C THR B 148 -16.29 -18.06 -16.83
N VAL B 149 -16.28 -17.54 -18.06
CA VAL B 149 -16.55 -16.13 -18.34
C VAL B 149 -17.08 -15.97 -19.78
N LYS B 150 -18.01 -15.03 -19.99
CA LYS B 150 -18.48 -14.71 -21.33
C LYS B 150 -17.43 -13.73 -21.88
N ARG B 151 -16.86 -14.06 -23.06
CA ARG B 151 -15.84 -13.26 -23.76
C ARG B 151 -16.21 -11.75 -23.73
N GLY B 152 -15.28 -10.93 -23.28
CA GLY B 152 -15.45 -9.48 -23.20
C GLY B 152 -16.16 -8.94 -21.96
N ALA B 153 -16.73 -9.82 -21.12
CA ALA B 153 -17.50 -9.38 -19.95
C ALA B 153 -17.02 -9.95 -18.61
N ALA B 154 -16.19 -9.17 -17.87
CA ALA B 154 -15.67 -9.57 -16.55
C ALA B 154 -16.82 -9.83 -15.57
N ALA B 155 -16.69 -10.88 -14.73
CA ALA B 155 -17.64 -11.33 -13.71
C ALA B 155 -19.04 -11.75 -14.27
N SER B 156 -19.13 -12.04 -15.59
CA SER B 156 -20.40 -12.41 -16.26
C SER B 156 -20.99 -13.78 -15.88
N HIS B 157 -20.14 -14.71 -15.38
CA HIS B 157 -20.58 -16.07 -14.98
C HIS B 157 -20.43 -16.31 -13.47
N SER B 158 -20.14 -15.24 -12.69
CA SER B 158 -19.94 -15.31 -11.23
C SER B 158 -21.17 -15.76 -10.41
N ARG B 159 -22.37 -15.71 -10.99
CA ARG B 159 -23.62 -16.09 -10.34
C ARG B 159 -24.23 -17.41 -10.82
N ILE B 160 -23.58 -18.12 -11.79
CA ILE B 160 -24.11 -19.37 -12.35
C ILE B 160 -23.99 -20.62 -11.44
N GLY B 161 -23.16 -20.57 -10.41
CA GLY B 161 -23.01 -21.68 -9.46
C GLY B 161 -21.63 -22.29 -9.26
N TRP B 162 -20.59 -21.78 -9.95
CA TRP B 162 -19.22 -22.30 -9.83
C TRP B 162 -18.67 -22.19 -8.41
N ASP B 163 -18.83 -21.01 -7.77
CA ASP B 163 -18.35 -20.66 -6.42
C ASP B 163 -18.69 -21.70 -5.35
N ARG B 164 -19.91 -22.25 -5.39
CA ARG B 164 -20.36 -23.27 -4.45
C ARG B 164 -19.69 -24.62 -4.78
N PHE B 165 -19.63 -24.99 -6.08
CA PHE B 165 -18.99 -26.23 -6.54
C PHE B 165 -17.51 -26.26 -6.16
N VAL B 166 -16.74 -25.19 -6.52
CA VAL B 166 -15.31 -25.02 -6.25
C VAL B 166 -15.06 -25.00 -4.73
N GLY B 167 -15.86 -24.22 -3.99
CA GLY B 167 -15.79 -24.09 -2.54
C GLY B 167 -15.99 -25.41 -1.81
N GLY B 168 -16.78 -26.31 -2.40
CA GLY B 168 -17.03 -27.65 -1.88
C GLY B 168 -15.83 -28.56 -2.06
N VAL B 169 -15.16 -28.47 -3.24
CA VAL B 169 -13.95 -29.21 -3.58
C VAL B 169 -12.78 -28.76 -2.67
N ILE B 170 -12.69 -27.43 -2.38
CA ILE B 170 -11.66 -26.86 -1.49
C ILE B 170 -11.90 -27.26 -0.03
N ARG B 171 -13.17 -27.21 0.44
CA ARG B 171 -13.56 -27.59 1.80
C ARG B 171 -13.15 -29.04 2.07
N ARG B 172 -13.40 -29.92 1.10
CA ARG B 172 -13.05 -31.34 1.18
C ARG B 172 -11.56 -31.58 1.11
N LEU B 173 -10.83 -30.85 0.22
CA LEU B 173 -9.37 -30.96 0.09
C LEU B 173 -8.69 -30.59 1.43
N ALA B 174 -9.14 -29.48 2.06
CA ALA B 174 -8.63 -28.98 3.33
C ALA B 174 -9.02 -29.89 4.55
N ALA B 175 -9.96 -30.83 4.34
CA ALA B 175 -10.40 -31.77 5.37
C ALA B 175 -9.64 -33.11 5.29
N ARG B 176 -9.13 -33.45 4.08
CA ARG B 176 -8.37 -34.66 3.74
C ARG B 176 -7.21 -34.93 4.74
N ARG B 177 -6.43 -33.88 5.08
CA ARG B 177 -5.30 -33.88 6.02
C ARG B 177 -4.84 -32.41 6.28
N PRO B 178 -4.19 -32.09 7.42
CA PRO B 178 -3.76 -30.68 7.63
C PRO B 178 -2.46 -30.31 6.89
N GLY B 179 -2.04 -29.05 7.02
CA GLY B 179 -0.77 -28.57 6.49
C GLY B 179 -0.72 -27.93 5.12
N LEU B 180 -1.87 -27.54 4.57
CA LEU B 180 -1.87 -26.84 3.28
C LEU B 180 -1.54 -25.38 3.53
N VAL B 181 -1.01 -24.69 2.51
CA VAL B 181 -0.73 -23.26 2.59
C VAL B 181 -1.79 -22.61 1.71
N PHE B 182 -2.51 -21.60 2.24
CA PHE B 182 -3.48 -20.84 1.47
C PHE B 182 -2.94 -19.42 1.28
N MET B 183 -2.97 -18.89 0.04
CA MET B 183 -2.55 -17.51 -0.27
C MET B 183 -3.81 -16.77 -0.72
N LEU B 184 -4.34 -15.92 0.18
CA LEU B 184 -5.59 -15.19 -0.06
C LEU B 184 -5.35 -13.70 -0.29
N TRP B 185 -5.30 -13.32 -1.57
CA TRP B 185 -4.99 -11.99 -2.05
C TRP B 185 -6.25 -11.24 -2.49
N GLY B 186 -6.58 -10.17 -1.76
CA GLY B 186 -7.75 -9.33 -2.02
C GLY B 186 -8.97 -9.70 -1.20
N THR B 187 -10.03 -8.86 -1.24
CA THR B 187 -11.28 -9.03 -0.50
C THR B 187 -12.07 -10.27 -0.91
N HIS B 188 -12.23 -10.51 -2.23
CA HIS B 188 -12.98 -11.65 -2.79
C HIS B 188 -12.42 -12.98 -2.28
N ALA B 189 -11.08 -13.17 -2.38
CA ALA B 189 -10.40 -14.39 -1.94
C ALA B 189 -10.54 -14.61 -0.42
N GLN B 190 -10.36 -13.53 0.38
CA GLN B 190 -10.49 -13.56 1.85
C GLN B 190 -11.94 -13.79 2.34
N ASN B 191 -12.94 -13.43 1.54
CA ASN B 191 -14.34 -13.62 1.90
C ASN B 191 -14.85 -14.99 1.49
N ALA B 192 -14.41 -15.48 0.32
CA ALA B 192 -14.83 -16.79 -0.23
C ALA B 192 -14.23 -18.00 0.50
N ILE B 193 -12.91 -17.98 0.80
CA ILE B 193 -12.20 -19.10 1.45
C ILE B 193 -11.68 -18.70 2.84
N ARG B 194 -12.20 -19.36 3.90
CA ARG B 194 -11.84 -19.06 5.29
C ARG B 194 -11.37 -20.35 6.00
N PRO B 195 -10.12 -20.82 5.76
CA PRO B 195 -9.66 -22.06 6.43
C PRO B 195 -9.34 -21.82 7.90
N ASP B 196 -9.24 -22.90 8.69
CA ASP B 196 -8.92 -22.80 10.11
C ASP B 196 -7.39 -22.58 10.25
N PRO B 197 -6.94 -21.42 10.79
CA PRO B 197 -5.48 -21.18 10.89
C PRO B 197 -4.68 -22.09 11.85
N ARG B 198 -5.37 -22.87 12.71
CA ARG B 198 -4.73 -23.82 13.62
C ARG B 198 -4.35 -25.11 12.86
N VAL B 199 -5.06 -25.38 11.74
CA VAL B 199 -4.95 -26.58 10.90
C VAL B 199 -4.13 -26.35 9.60
N HIS B 200 -4.28 -25.16 8.97
CA HIS B 200 -3.56 -24.80 7.74
C HIS B 200 -2.87 -23.43 7.88
N CYS B 201 -1.74 -23.21 7.15
CA CYS B 201 -1.01 -21.91 7.14
C CYS B 201 -1.80 -20.98 6.20
N VAL B 202 -2.49 -19.97 6.79
CA VAL B 202 -3.34 -19.03 6.05
C VAL B 202 -2.64 -17.68 5.90
N LEU B 203 -2.19 -17.39 4.67
CA LEU B 203 -1.47 -16.17 4.30
C LEU B 203 -2.37 -15.19 3.55
N LYS B 204 -2.57 -14.00 4.15
CA LYS B 204 -3.44 -12.97 3.57
C LYS B 204 -2.64 -11.74 3.15
N PHE B 205 -3.07 -11.10 2.06
CA PHE B 205 -2.45 -9.86 1.56
C PHE B 205 -3.49 -9.15 0.72
N SER B 206 -3.20 -7.90 0.34
CA SER B 206 -4.05 -7.14 -0.56
C SER B 206 -3.82 -7.75 -1.98
N HIS B 207 -4.71 -7.42 -2.92
CA HIS B 207 -4.67 -7.96 -4.28
C HIS B 207 -3.44 -7.54 -5.10
N PRO B 208 -2.87 -8.41 -5.98
CA PRO B 208 -1.72 -7.97 -6.77
C PRO B 208 -1.99 -6.87 -7.80
N SER B 209 -3.25 -6.44 -7.99
CA SER B 209 -3.57 -5.34 -8.90
C SER B 209 -2.73 -4.06 -8.60
N PRO B 210 -2.23 -3.34 -9.63
CA PRO B 210 -1.51 -2.07 -9.36
C PRO B 210 -2.34 -1.01 -8.60
N LEU B 211 -3.68 -1.16 -8.61
CA LEU B 211 -4.62 -0.23 -7.94
C LEU B 211 -4.79 -0.46 -6.42
N SER B 212 -4.21 -1.54 -5.87
CA SER B 212 -4.34 -1.85 -4.43
C SER B 212 -3.65 -0.80 -3.52
N LYS B 213 -4.10 -0.74 -2.25
CA LYS B 213 -3.59 0.15 -1.20
C LYS B 213 -2.07 0.02 -0.95
N VAL B 214 -1.51 -1.19 -1.05
CA VAL B 214 -0.09 -1.47 -0.78
C VAL B 214 0.54 -2.14 -2.05
N PRO B 215 1.80 -1.80 -2.47
CA PRO B 215 2.39 -2.49 -3.62
C PRO B 215 2.54 -3.98 -3.34
N PHE B 216 2.06 -4.85 -4.26
CA PHE B 216 2.16 -6.30 -4.06
C PHE B 216 3.61 -6.80 -4.10
N GLY B 217 4.51 -6.03 -4.68
CA GLY B 217 5.93 -6.36 -4.73
C GLY B 217 6.56 -6.51 -3.35
N THR B 218 5.88 -6.01 -2.29
CA THR B 218 6.30 -6.11 -0.88
C THR B 218 5.78 -7.40 -0.23
N CYS B 219 4.92 -8.18 -0.92
CA CYS B 219 4.38 -9.43 -0.39
C CYS B 219 5.47 -10.51 -0.21
N GLN B 220 5.53 -11.09 1.01
CA GLN B 220 6.53 -12.10 1.38
C GLN B 220 5.98 -13.52 1.54
N HIS B 221 4.77 -13.78 1.00
CA HIS B 221 4.11 -15.10 1.08
C HIS B 221 4.95 -16.27 0.56
N PHE B 222 5.67 -16.08 -0.56
CA PHE B 222 6.49 -17.07 -1.25
C PHE B 222 7.58 -17.67 -0.38
N LEU B 223 8.21 -16.82 0.45
CA LEU B 223 9.24 -17.17 1.40
C LEU B 223 8.61 -17.80 2.65
N VAL B 224 7.54 -17.16 3.20
CA VAL B 224 6.83 -17.64 4.40
C VAL B 224 6.25 -19.05 4.18
N ALA B 225 5.68 -19.31 2.99
CA ALA B 225 5.11 -20.62 2.64
C ALA B 225 6.18 -21.70 2.68
N ASN B 226 7.36 -21.42 2.07
CA ASN B 226 8.52 -22.32 2.05
C ASN B 226 9.10 -22.60 3.43
N ARG B 227 9.11 -21.59 4.33
CA ARG B 227 9.58 -21.78 5.71
C ARG B 227 8.64 -22.75 6.45
N TYR B 228 7.32 -22.58 6.26
CA TYR B 228 6.27 -23.44 6.83
C TYR B 228 6.42 -24.87 6.34
N LEU B 229 6.60 -25.07 5.01
CA LEU B 229 6.81 -26.38 4.41
C LEU B 229 8.05 -27.06 4.98
N GLU B 230 9.10 -26.27 5.31
CA GLU B 230 10.33 -26.76 5.94
C GLU B 230 10.11 -27.21 7.40
N THR B 231 9.17 -26.56 8.15
CA THR B 231 8.82 -26.96 9.53
C THR B 231 8.09 -28.31 9.53
N ARG B 232 7.33 -28.58 8.45
CA ARG B 232 6.54 -29.81 8.29
C ARG B 232 7.36 -30.92 7.58
N SER B 233 8.68 -30.68 7.37
CA SER B 233 9.64 -31.58 6.71
C SER B 233 9.29 -31.86 5.22
N ILE B 234 8.61 -30.89 4.57
CA ILE B 234 8.18 -30.95 3.16
C ILE B 234 9.15 -30.12 2.31
N SER B 235 9.57 -30.67 1.14
CA SER B 235 10.45 -30.00 0.17
C SER B 235 9.88 -28.63 -0.26
N PRO B 236 10.71 -27.57 -0.40
CA PRO B 236 10.15 -26.26 -0.75
C PRO B 236 9.76 -26.10 -2.21
N ILE B 237 8.92 -25.10 -2.50
CA ILE B 237 8.49 -24.76 -3.84
C ILE B 237 9.58 -23.90 -4.49
N ASP B 238 9.97 -24.24 -5.72
CA ASP B 238 10.91 -23.46 -6.51
C ASP B 238 9.99 -22.49 -7.26
N TRP B 239 9.90 -21.24 -6.78
CA TRP B 239 9.02 -20.21 -7.35
C TRP B 239 9.47 -19.62 -8.69
N SER B 240 10.68 -20.02 -9.19
CA SER B 240 11.18 -19.58 -10.49
C SER B 240 10.19 -19.99 -11.57
N VAL B 241 9.94 -19.10 -12.54
CA VAL B 241 9.03 -19.36 -13.65
C VAL B 241 9.23 -18.35 -14.78
N LEU C 6 -3.12 -2.26 7.67
CA LEU C 6 -4.56 -2.09 7.49
C LEU C 6 -5.34 -1.79 8.80
N ASP C 7 -4.75 -2.13 9.98
CA ASP C 7 -5.33 -1.85 11.30
C ASP C 7 -5.31 -0.35 11.58
N SER C 8 -6.33 0.14 12.30
CA SER C 8 -6.42 1.54 12.72
C SER C 8 -6.49 1.59 14.25
N TYR C 9 -5.94 2.65 14.85
CA TYR C 9 -5.81 2.77 16.30
C TYR C 9 -6.16 4.15 16.83
N ASP C 10 -6.64 4.20 18.09
CA ASP C 10 -6.83 5.43 18.87
C ASP C 10 -5.69 5.49 19.90
N VAL C 11 -5.12 6.69 20.13
CA VAL C 11 -4.00 6.92 21.07
C VAL C 11 -4.37 8.04 22.06
N THR C 12 -4.29 7.75 23.35
CA THR C 12 -4.56 8.71 24.42
C THR C 12 -3.27 8.81 25.24
N MET C 13 -2.86 10.04 25.56
CA MET C 13 -1.71 10.29 26.40
C MET C 13 -2.08 11.29 27.50
N LEU C 14 -1.54 11.06 28.69
CA LEU C 14 -1.58 11.97 29.82
C LEU C 14 -0.11 12.35 29.98
N LEU C 15 0.22 13.62 29.70
CA LEU C 15 1.59 14.15 29.73
C LEU C 15 1.78 15.21 30.80
N GLN C 16 3.04 15.43 31.20
CA GLN C 16 3.38 16.45 32.18
C GLN C 16 4.41 17.41 31.59
N ASP C 17 4.12 18.71 31.62
CA ASP C 17 5.06 19.74 31.16
C ASP C 17 6.11 20.10 32.24
N ASP C 18 7.14 20.88 31.84
CA ASP C 18 8.24 21.37 32.67
C ASP C 18 7.80 22.15 33.92
N ASN C 19 6.56 22.67 33.93
CA ASN C 19 5.97 23.41 35.07
C ASN C 19 5.17 22.47 36.00
N GLY C 20 5.12 21.18 35.66
CA GLY C 20 4.41 20.18 36.45
C GLY C 20 2.92 20.04 36.14
N LYS C 21 2.41 20.81 35.18
CA LYS C 21 1.01 20.76 34.74
C LYS C 21 0.79 19.55 33.82
N GLN C 22 -0.23 18.75 34.14
CA GLN C 22 -0.63 17.56 33.41
C GLN C 22 -1.77 17.86 32.44
N TYR C 23 -1.77 17.24 31.26
CA TYR C 23 -2.80 17.48 30.25
C TYR C 23 -2.98 16.26 29.36
N TYR C 24 -4.19 16.10 28.81
CA TYR C 24 -4.52 14.98 27.92
C TYR C 24 -4.35 15.34 26.47
N GLU C 25 -3.96 14.37 25.66
CA GLU C 25 -3.90 14.50 24.22
C GLU C 25 -4.61 13.28 23.63
N TYR C 26 -5.50 13.53 22.66
CA TYR C 26 -6.27 12.48 22.00
C TYR C 26 -5.91 12.45 20.50
N HIS C 27 -5.48 11.29 20.01
CA HIS C 27 -5.07 11.09 18.61
C HIS C 27 -5.91 9.96 18.05
N LYS C 28 -6.80 10.28 17.10
CA LYS C 28 -7.80 9.35 16.59
C LYS C 28 -7.57 8.78 15.19
N GLY C 29 -7.88 7.50 15.03
CA GLY C 29 -7.80 6.76 13.77
C GLY C 29 -6.43 6.73 13.11
N LEU C 30 -5.37 6.45 13.87
CA LEU C 30 -4.01 6.40 13.33
C LEU C 30 -3.58 4.98 12.93
N SER C 31 -2.67 4.86 11.97
CA SER C 31 -2.10 3.54 11.68
C SER C 31 -1.07 3.27 12.81
N LEU C 32 -0.62 1.99 13.00
CA LEU C 32 0.38 1.69 14.02
C LEU C 32 1.71 2.43 13.73
N SER C 33 2.06 2.58 12.45
CA SER C 33 3.26 3.33 12.01
C SER C 33 3.15 4.82 12.42
N ASP C 34 1.93 5.42 12.31
CA ASP C 34 1.65 6.79 12.72
C ASP C 34 1.88 6.97 14.21
N PHE C 35 1.42 5.99 15.02
CA PHE C 35 1.64 6.01 16.48
C PHE C 35 3.14 6.06 16.79
N GLU C 36 3.93 5.23 16.09
CA GLU C 36 5.39 5.16 16.24
C GLU C 36 6.05 6.50 15.91
N VAL C 37 5.56 7.21 14.87
CA VAL C 37 6.03 8.56 14.50
C VAL C 37 5.65 9.58 15.62
N LEU C 38 4.38 9.55 16.07
CA LEU C 38 3.87 10.41 17.15
C LEU C 38 4.75 10.27 18.41
N TYR C 39 5.04 9.01 18.82
CA TYR C 39 5.90 8.72 19.97
C TYR C 39 7.28 9.38 19.83
N GLY C 40 7.89 9.26 18.65
CA GLY C 40 9.19 9.84 18.35
C GLY C 40 9.21 11.36 18.31
N ASN C 41 8.02 12.01 18.35
CA ASN C 41 7.91 13.47 18.39
C ASN C 41 7.58 13.98 19.81
N THR C 42 7.28 13.08 20.73
CA THR C 42 6.86 13.37 22.10
C THR C 42 8.06 13.79 22.98
N VAL C 43 7.95 14.98 23.60
CA VAL C 43 9.01 15.57 24.43
C VAL C 43 8.67 15.66 25.91
N ASP C 44 7.38 15.90 26.25
CA ASP C 44 6.95 16.00 27.65
C ASP C 44 6.94 14.64 28.29
N GLU C 45 6.93 14.63 29.62
CA GLU C 45 6.95 13.40 30.41
C GLU C 45 5.66 12.63 30.25
N ILE C 46 5.75 11.34 29.89
CA ILE C 46 4.59 10.45 29.76
C ILE C 46 4.15 9.99 31.15
N ILE C 47 2.87 10.22 31.49
CA ILE C 47 2.31 9.76 32.77
C ILE C 47 1.48 8.49 32.47
N LYS C 48 0.69 8.55 31.39
CA LYS C 48 -0.15 7.46 30.89
C LYS C 48 -0.13 7.44 29.39
N LEU C 49 -0.14 6.23 28.81
CA LEU C 49 -0.23 6.01 27.37
C LEU C 49 -1.18 4.82 27.16
N ARG C 50 -2.15 5.01 26.26
CA ARG C 50 -3.15 4.02 25.88
CA ARG C 50 -3.18 4.05 25.87
C ARG C 50 -3.12 3.91 24.33
N VAL C 51 -2.99 2.68 23.81
CA VAL C 51 -3.02 2.44 22.34
C VAL C 51 -4.05 1.32 22.11
N ASP C 52 -5.12 1.57 21.35
CA ASP C 52 -6.17 0.54 21.12
C ASP C 52 -6.57 0.37 19.67
N LYS C 53 -6.56 -0.89 19.19
CA LYS C 53 -6.98 -1.23 17.86
C LYS C 53 -8.49 -0.95 17.79
N ILE C 54 -8.94 -0.24 16.74
CA ILE C 54 -10.36 0.13 16.56
C ILE C 54 -10.93 -0.57 15.30
N SER C 55 -10.04 -0.97 14.37
CA SER C 55 -10.32 -1.68 13.11
C SER C 55 -9.01 -2.18 12.52
N LEU D 6 14.69 8.33 37.86
CA LEU D 6 14.22 7.43 36.81
C LEU D 6 12.73 7.12 36.94
N ASP D 7 11.97 7.37 35.89
CA ASP D 7 10.56 6.99 35.90
C ASP D 7 10.47 5.50 35.56
N SER D 8 9.67 4.75 36.32
CA SER D 8 9.37 3.35 36.07
C SER D 8 7.88 3.23 35.73
N TYR D 9 7.54 2.23 34.92
CA TYR D 9 6.21 2.05 34.36
C TYR D 9 5.70 0.64 34.47
N ASP D 10 4.39 0.50 34.51
CA ASP D 10 3.69 -0.77 34.40
C ASP D 10 3.28 -0.77 32.94
N VAL D 11 3.68 -1.81 32.19
CA VAL D 11 3.39 -1.98 30.77
C VAL D 11 2.52 -3.24 30.60
N THR D 12 1.38 -3.09 29.95
CA THR D 12 0.42 -4.15 29.68
C THR D 12 0.21 -4.18 28.18
N MET D 13 0.19 -5.39 27.60
CA MET D 13 -0.11 -5.57 26.19
C MET D 13 -1.12 -6.67 26.03
N LEU D 14 -2.09 -6.46 25.12
CA LEU D 14 -3.02 -7.46 24.68
C LEU D 14 -2.57 -7.72 23.25
N LEU D 15 -2.10 -8.95 23.00
CA LEU D 15 -1.52 -9.36 21.72
C LEU D 15 -2.38 -10.44 21.05
N GLN D 16 -2.24 -10.58 19.74
CA GLN D 16 -2.97 -11.61 18.97
C GLN D 16 -1.98 -12.43 18.19
N ASP D 17 -1.98 -13.76 18.40
CA ASP D 17 -1.05 -14.61 17.65
C ASP D 17 -1.57 -14.90 16.23
N ASP D 18 -0.75 -15.59 15.40
CA ASP D 18 -1.06 -15.96 14.01
C ASP D 18 -2.33 -16.79 13.84
N ASN D 19 -2.74 -17.55 14.89
CA ASN D 19 -3.96 -18.35 14.86
C ASN D 19 -5.22 -17.52 15.21
N GLY D 20 -5.03 -16.25 15.58
CA GLY D 20 -6.11 -15.34 15.98
C GLY D 20 -6.44 -15.42 17.47
N LYS D 21 -5.57 -16.08 18.26
CA LYS D 21 -5.75 -16.22 19.70
C LYS D 21 -5.12 -15.01 20.44
N GLN D 22 -5.91 -14.35 21.31
CA GLN D 22 -5.46 -13.20 22.10
C GLN D 22 -4.93 -13.61 23.46
N TYR D 23 -4.01 -12.81 24.02
CA TYR D 23 -3.38 -13.07 25.32
C TYR D 23 -2.76 -11.79 25.90
N TYR D 24 -2.73 -11.70 27.23
CA TYR D 24 -2.12 -10.55 27.90
C TYR D 24 -0.70 -10.85 28.33
N GLU D 25 0.18 -9.84 28.27
CA GLU D 25 1.54 -9.89 28.80
C GLU D 25 1.67 -8.67 29.70
N TYR D 26 2.22 -8.87 30.90
CA TYR D 26 2.37 -7.84 31.94
C TYR D 26 3.85 -7.67 32.29
N HIS D 27 4.28 -6.42 32.47
CA HIS D 27 5.65 -6.00 32.77
C HIS D 27 5.63 -4.85 33.78
N LYS D 28 6.26 -5.04 34.92
CA LYS D 28 6.27 -4.08 36.01
C LYS D 28 7.68 -3.50 36.24
N GLY D 29 7.76 -2.17 36.42
CA GLY D 29 9.01 -1.48 36.75
C GLY D 29 9.91 -1.12 35.59
N LEU D 30 9.41 -1.20 34.35
CA LEU D 30 10.21 -0.85 33.18
C LEU D 30 10.47 0.67 33.09
N SER D 31 11.61 1.04 32.53
CA SER D 31 11.93 2.43 32.21
C SER D 31 11.32 2.66 30.82
N LEU D 32 11.37 3.89 30.27
CA LEU D 32 10.84 4.11 28.91
C LEU D 32 11.74 3.45 27.87
N SER D 33 13.07 3.36 28.13
CA SER D 33 14.00 2.68 27.22
C SER D 33 13.64 1.20 27.15
N ASP D 34 13.35 0.56 28.30
CA ASP D 34 12.92 -0.85 28.40
C ASP D 34 11.68 -1.04 27.55
N PHE D 35 10.71 -0.12 27.68
CA PHE D 35 9.46 -0.21 26.90
C PHE D 35 9.73 -0.18 25.39
N GLU D 36 10.67 0.68 24.95
CA GLU D 36 11.04 0.85 23.53
C GLU D 36 11.64 -0.43 22.96
N VAL D 37 12.54 -1.08 23.71
CA VAL D 37 13.16 -2.35 23.30
C VAL D 37 12.03 -3.43 23.29
N LEU D 38 11.17 -3.43 24.33
CA LEU D 38 10.03 -4.36 24.42
C LEU D 38 9.11 -4.23 23.17
N TYR D 39 8.70 -2.99 22.87
CA TYR D 39 7.85 -2.70 21.72
C TYR D 39 8.54 -3.13 20.38
N GLY D 40 9.79 -2.73 20.20
CA GLY D 40 10.58 -3.06 19.01
C GLY D 40 10.72 -4.55 18.72
N ASN D 41 10.81 -5.37 19.78
CA ASN D 41 10.95 -6.83 19.71
C ASN D 41 9.61 -7.62 19.66
N THR D 42 8.45 -6.95 19.77
CA THR D 42 7.12 -7.61 19.76
C THR D 42 6.80 -8.05 18.33
N VAL D 43 6.47 -9.32 18.12
CA VAL D 43 6.20 -9.79 16.75
C VAL D 43 4.68 -9.98 16.49
N ASP D 44 3.94 -10.47 17.50
CA ASP D 44 2.51 -10.65 17.40
C ASP D 44 1.80 -9.29 17.27
N GLU D 45 0.59 -9.32 16.72
CA GLU D 45 -0.24 -8.13 16.47
C GLU D 45 -0.67 -7.44 17.78
N ILE D 46 -0.48 -6.10 17.83
CA ILE D 46 -0.89 -5.31 18.98
C ILE D 46 -2.38 -4.96 18.95
N ILE D 47 -3.12 -5.42 19.99
CA ILE D 47 -4.55 -5.14 20.18
C ILE D 47 -4.69 -3.98 21.16
N LYS D 48 -3.96 -4.04 22.30
CA LYS D 48 -3.92 -2.96 23.28
C LYS D 48 -2.50 -2.76 23.77
N LEU D 49 -2.20 -1.51 24.14
CA LEU D 49 -0.99 -1.11 24.82
C LEU D 49 -1.40 -0.13 25.92
N ARG D 50 -0.90 -0.36 27.14
CA ARG D 50 -1.11 0.49 28.30
C ARG D 50 0.25 0.68 28.98
N VAL D 51 0.69 1.94 29.11
CA VAL D 51 1.96 2.29 29.75
C VAL D 51 1.59 3.30 30.83
N ASP D 52 1.80 2.99 32.13
CA ASP D 52 1.45 3.91 33.23
C ASP D 52 2.58 4.15 34.20
N LYS D 53 2.90 5.43 34.47
CA LYS D 53 3.94 5.80 35.44
C LYS D 53 3.53 5.32 36.84
N ILE D 54 4.43 4.59 37.53
CA ILE D 54 4.19 4.00 38.88
C ILE D 54 4.95 4.65 40.02
N SER E 8 -21.95 -0.36 -6.00
CA SER E 8 -22.06 -0.86 -7.37
C SER E 8 -21.64 0.18 -8.42
N TYR E 9 -20.79 -0.23 -9.39
CA TYR E 9 -20.22 0.65 -10.40
C TYR E 9 -20.37 0.14 -11.80
N ASP E 10 -20.41 1.07 -12.74
CA ASP E 10 -20.39 0.81 -14.18
C ASP E 10 -19.00 1.18 -14.69
N VAL E 11 -18.35 0.27 -15.44
CA VAL E 11 -17.02 0.54 -15.96
C VAL E 11 -17.06 0.60 -17.49
N THR E 12 -16.41 1.64 -18.06
CA THR E 12 -16.25 1.83 -19.51
C THR E 12 -14.76 2.07 -19.80
N MET E 13 -14.22 1.34 -20.78
CA MET E 13 -12.84 1.49 -21.22
C MET E 13 -12.76 1.56 -22.74
N LEU E 14 -11.93 2.50 -23.26
CA LEU E 14 -11.58 2.60 -24.68
C LEU E 14 -10.14 2.09 -24.70
N LEU E 15 -9.92 0.91 -25.29
CA LEU E 15 -8.61 0.27 -25.31
C LEU E 15 -7.98 0.26 -26.69
N GLN E 16 -6.64 0.29 -26.75
CA GLN E 16 -5.90 0.26 -28.01
C GLN E 16 -5.02 -0.98 -28.10
N ASP E 17 -5.22 -1.82 -29.13
CA ASP E 17 -4.39 -3.01 -29.29
C ASP E 17 -2.99 -2.69 -29.85
N ASP E 18 -2.15 -3.72 -30.02
CA ASP E 18 -0.76 -3.59 -30.50
C ASP E 18 -0.61 -3.09 -31.94
N ASN E 19 -1.72 -3.10 -32.73
CA ASN E 19 -1.75 -2.63 -34.12
C ASN E 19 -2.27 -1.19 -34.22
N GLY E 20 -2.86 -0.69 -33.13
CA GLY E 20 -3.43 0.65 -33.07
C GLY E 20 -4.95 0.72 -33.17
N LYS E 21 -5.63 -0.45 -33.19
CA LYS E 21 -7.08 -0.48 -33.27
C LYS E 21 -7.68 -0.20 -31.90
N GLN E 22 -8.58 0.77 -31.84
CA GLN E 22 -9.23 1.14 -30.59
C GLN E 22 -10.60 0.48 -30.49
N TYR E 23 -10.95 -0.03 -29.29
CA TYR E 23 -12.23 -0.69 -29.08
C TYR E 23 -12.79 -0.38 -27.70
N TYR E 24 -14.11 -0.43 -27.57
CA TYR E 24 -14.80 -0.20 -26.31
C TYR E 24 -15.12 -1.51 -25.59
N GLU E 25 -15.04 -1.45 -24.26
CA GLU E 25 -15.39 -2.52 -23.34
C GLU E 25 -16.30 -1.89 -22.29
N TYR E 26 -17.41 -2.56 -21.97
CA TYR E 26 -18.39 -2.08 -20.99
C TYR E 26 -18.71 -3.15 -19.94
N HIS E 27 -18.60 -2.80 -18.65
CA HIS E 27 -18.89 -3.68 -17.52
C HIS E 27 -19.91 -3.02 -16.59
N LYS E 28 -21.00 -3.74 -16.30
CA LYS E 28 -22.09 -3.23 -15.49
C LYS E 28 -22.17 -3.85 -14.10
N GLY E 29 -22.47 -3.02 -13.11
CA GLY E 29 -22.69 -3.43 -11.74
C GLY E 29 -21.55 -4.15 -11.05
N LEU E 30 -20.31 -3.63 -11.15
CA LEU E 30 -19.20 -4.25 -10.44
C LEU E 30 -19.01 -3.57 -9.08
N SER E 31 -18.38 -4.28 -8.14
CA SER E 31 -17.96 -3.67 -6.88
C SER E 31 -16.66 -2.94 -7.28
N LEU E 32 -16.16 -2.01 -6.46
CA LEU E 32 -14.92 -1.29 -6.79
C LEU E 32 -13.72 -2.25 -6.74
N SER E 33 -13.82 -3.31 -5.91
CA SER E 33 -12.82 -4.39 -5.80
C SER E 33 -12.74 -5.19 -7.11
N ASP E 34 -13.91 -5.49 -7.75
CA ASP E 34 -13.98 -6.21 -9.03
C ASP E 34 -13.32 -5.34 -10.12
N PHE E 35 -13.57 -4.01 -10.08
CA PHE E 35 -12.93 -3.05 -10.99
C PHE E 35 -11.39 -3.11 -10.87
N GLU E 36 -10.85 -3.11 -9.65
CA GLU E 36 -9.38 -3.18 -9.44
C GLU E 36 -8.79 -4.48 -10.01
N VAL E 37 -9.52 -5.62 -9.88
CA VAL E 37 -9.13 -6.92 -10.44
C VAL E 37 -9.15 -6.83 -11.99
N LEU E 38 -10.25 -6.30 -12.57
CA LEU E 38 -10.43 -6.12 -14.02
C LEU E 38 -9.31 -5.25 -14.58
N TYR E 39 -9.00 -4.11 -13.93
CA TYR E 39 -7.89 -3.23 -14.32
C TYR E 39 -6.57 -4.07 -14.35
N GLY E 40 -6.31 -4.84 -13.29
CA GLY E 40 -5.13 -5.68 -13.16
C GLY E 40 -4.99 -6.76 -14.22
N ASN E 41 -6.10 -7.10 -14.90
CA ASN E 41 -6.15 -8.10 -15.98
C ASN E 41 -6.10 -7.48 -17.39
N THR E 42 -6.09 -6.14 -17.49
CA THR E 42 -6.10 -5.38 -18.75
C THR E 42 -4.73 -5.33 -19.43
N VAL E 43 -4.62 -5.95 -20.61
CA VAL E 43 -3.37 -6.06 -21.40
C VAL E 43 -3.17 -4.94 -22.43
N ASP E 44 -4.26 -4.29 -22.85
CA ASP E 44 -4.15 -3.24 -23.87
C ASP E 44 -4.01 -1.87 -23.22
N GLU E 45 -3.58 -0.87 -24.00
CA GLU E 45 -3.36 0.50 -23.53
C GLU E 45 -4.69 1.23 -23.29
N ILE E 46 -4.83 1.81 -22.09
CA ILE E 46 -5.98 2.62 -21.71
C ILE E 46 -5.94 3.96 -22.45
N ILE E 47 -6.99 4.24 -23.23
CA ILE E 47 -7.12 5.50 -23.97
C ILE E 47 -8.06 6.34 -23.13
N LYS E 48 -9.21 5.73 -22.71
CA LYS E 48 -10.22 6.35 -21.89
C LYS E 48 -10.72 5.36 -20.83
N LEU E 49 -10.99 5.85 -19.61
CA LEU E 49 -11.51 5.03 -18.53
C LEU E 49 -12.55 5.83 -17.76
N ARG E 50 -13.71 5.21 -17.49
CA ARG E 50 -14.79 5.82 -16.74
C ARG E 50 -15.31 4.83 -15.75
N VAL E 51 -15.41 5.25 -14.47
CA VAL E 51 -15.97 4.43 -13.41
C VAL E 51 -16.94 5.27 -12.59
N ASP E 52 -18.23 4.91 -12.65
CA ASP E 52 -19.27 5.68 -12.00
C ASP E 52 -20.03 4.85 -11.03
N LYS E 53 -20.22 5.39 -9.82
CA LYS E 53 -21.02 4.72 -8.79
C LYS E 53 -22.48 4.84 -9.25
N ILE E 54 -23.21 3.71 -9.26
CA ILE E 54 -24.64 3.71 -9.66
C ILE E 54 -25.50 4.30 -8.53
N ASP F 7 0.95 7.81 -22.85
CA ASP F 7 2.05 8.22 -21.99
C ASP F 7 1.65 9.29 -20.98
N SER F 8 0.85 10.30 -21.38
CA SER F 8 0.39 11.38 -20.49
C SER F 8 -1.14 11.41 -20.37
N TYR F 9 -1.63 11.47 -19.13
CA TYR F 9 -3.06 11.40 -18.79
C TYR F 9 -3.56 12.55 -17.93
N ASP F 10 -4.85 12.87 -18.08
CA ASP F 10 -5.58 13.79 -17.21
C ASP F 10 -6.54 12.91 -16.42
N VAL F 11 -6.61 13.15 -15.11
CA VAL F 11 -7.42 12.40 -14.17
C VAL F 11 -8.40 13.35 -13.45
N THR F 12 -9.68 12.97 -13.45
CA THR F 12 -10.72 13.70 -12.75
C THR F 12 -11.39 12.72 -11.76
N MET F 13 -11.56 13.13 -10.49
CA MET F 13 -12.26 12.31 -9.50
C MET F 13 -13.24 13.13 -8.69
N LEU F 14 -14.49 12.63 -8.61
CA LEU F 14 -15.53 13.17 -7.74
C LEU F 14 -15.47 12.25 -6.51
N LEU F 15 -15.09 12.84 -5.37
CA LEU F 15 -14.93 12.09 -4.13
C LEU F 15 -15.92 12.49 -3.05
N GLN F 16 -16.18 11.59 -2.11
CA GLN F 16 -17.07 11.89 -1.00
C GLN F 16 -16.37 11.67 0.35
N ASP F 17 -16.37 12.70 1.20
CA ASP F 17 -15.74 12.60 2.52
C ASP F 17 -16.65 11.90 3.55
N ASP F 18 -16.13 11.66 4.78
CA ASP F 18 -16.85 10.99 5.88
C ASP F 18 -18.10 11.75 6.37
N ASN F 19 -18.23 13.05 6.06
CA ASN F 19 -19.41 13.84 6.43
C ASN F 19 -20.46 13.83 5.32
N GLY F 20 -20.22 13.08 4.26
CA GLY F 20 -21.15 13.01 3.13
C GLY F 20 -21.03 14.18 2.15
N LYS F 21 -19.94 14.97 2.26
CA LYS F 21 -19.70 16.11 1.37
C LYS F 21 -18.80 15.72 0.20
N GLN F 22 -19.08 16.27 -0.98
CA GLN F 22 -18.35 15.96 -2.19
C GLN F 22 -17.46 17.13 -2.71
N TYR F 23 -16.49 16.78 -3.55
CA TYR F 23 -15.55 17.71 -4.15
C TYR F 23 -14.89 17.00 -5.32
N TYR F 24 -14.32 17.77 -6.24
CA TYR F 24 -13.57 17.26 -7.39
C TYR F 24 -12.06 17.44 -7.20
N GLU F 25 -11.32 16.52 -7.80
CA GLU F 25 -9.87 16.60 -7.96
C GLU F 25 -9.66 16.54 -9.46
N TYR F 26 -8.73 17.34 -9.95
CA TYR F 26 -8.36 17.38 -11.35
C TYR F 26 -6.85 17.38 -11.42
N HIS F 27 -6.28 16.32 -12.02
CA HIS F 27 -4.84 16.12 -12.12
C HIS F 27 -4.43 16.04 -13.58
N LYS F 28 -3.53 16.93 -14.00
CA LYS F 28 -3.09 17.05 -15.39
C LYS F 28 -1.65 16.53 -15.63
N GLY F 29 -1.47 15.75 -16.70
CA GLY F 29 -0.17 15.27 -17.16
C GLY F 29 0.46 14.18 -16.32
N LEU F 30 -0.31 13.15 -15.97
CA LEU F 30 0.25 12.07 -15.16
C LEU F 30 0.65 10.93 -16.06
N SER F 31 1.67 10.16 -15.68
CA SER F 31 1.98 8.89 -16.35
C SER F 31 0.89 7.89 -15.81
N LEU F 32 0.75 6.70 -16.43
CA LEU F 32 -0.21 5.68 -15.95
C LEU F 32 0.18 5.21 -14.53
N SER F 33 1.49 5.12 -14.23
CA SER F 33 2.03 4.77 -12.90
C SER F 33 1.60 5.78 -11.86
N ASP F 34 1.69 7.11 -12.20
CA ASP F 34 1.28 8.21 -11.33
C ASP F 34 -0.22 8.08 -10.97
N PHE F 35 -1.07 7.70 -11.96
CA PHE F 35 -2.51 7.49 -11.71
C PHE F 35 -2.74 6.33 -10.73
N GLU F 36 -2.02 5.21 -10.94
CA GLU F 36 -2.16 4.01 -10.10
C GLU F 36 -1.81 4.28 -8.64
N VAL F 37 -0.74 5.06 -8.42
CA VAL F 37 -0.26 5.46 -7.08
C VAL F 37 -1.24 6.43 -6.42
N LEU F 38 -1.75 7.41 -7.19
CA LEU F 38 -2.75 8.39 -6.76
C LEU F 38 -4.03 7.67 -6.32
N TYR F 39 -4.49 6.72 -7.15
CA TYR F 39 -5.67 5.91 -6.88
C TYR F 39 -5.46 5.13 -5.54
N GLY F 40 -4.33 4.45 -5.40
CA GLY F 40 -3.99 3.70 -4.19
C GLY F 40 -3.97 4.54 -2.92
N ASN F 41 -3.56 5.81 -3.06
CA ASN F 41 -3.46 6.82 -1.99
C ASN F 41 -4.78 7.55 -1.69
N THR F 42 -5.83 7.31 -2.48
CA THR F 42 -7.16 7.94 -2.30
C THR F 42 -7.86 7.32 -1.09
N VAL F 43 -8.20 8.16 -0.10
CA VAL F 43 -8.83 7.76 1.17
C VAL F 43 -10.35 7.97 1.09
N ASP F 44 -10.80 9.05 0.45
CA ASP F 44 -12.23 9.35 0.31
C ASP F 44 -12.91 8.40 -0.67
N GLU F 45 -14.25 8.31 -0.60
CA GLU F 45 -15.04 7.42 -1.45
C GLU F 45 -15.09 7.94 -2.88
N ILE F 46 -14.80 7.05 -3.85
CA ILE F 46 -14.84 7.35 -5.27
C ILE F 46 -16.27 7.30 -5.75
N ILE F 47 -16.78 8.44 -6.26
CA ILE F 47 -18.15 8.55 -6.81
C ILE F 47 -18.04 8.47 -8.33
N LYS F 48 -17.12 9.25 -8.91
CA LYS F 48 -16.88 9.27 -10.37
C LYS F 48 -15.39 9.29 -10.64
N LEU F 49 -14.95 8.53 -11.65
CA LEU F 49 -13.54 8.47 -12.06
C LEU F 49 -13.40 8.55 -13.56
N ARG F 50 -12.61 9.52 -14.02
CA ARG F 50 -12.33 9.75 -15.44
CA ARG F 50 -12.35 9.76 -15.44
C ARG F 50 -10.84 9.85 -15.68
N VAL F 51 -10.33 9.02 -16.61
CA VAL F 51 -8.92 9.03 -17.01
C VAL F 51 -8.85 9.03 -18.55
N ASP F 52 -8.13 10.02 -19.09
CA ASP F 52 -8.03 10.19 -20.54
C ASP F 52 -6.62 10.39 -20.96
N LYS F 53 -6.19 9.67 -22.03
CA LYS F 53 -4.89 9.86 -22.63
C LYS F 53 -4.95 11.20 -23.37
N ILE F 54 -3.93 12.05 -23.11
CA ILE F 54 -3.77 13.40 -23.64
C ILE F 54 -2.45 13.57 -24.42
#